data_1JUM
#
_entry.id   1JUM
#
_cell.length_a   174.300
_cell.length_b   174.300
_cell.length_c   96.300
_cell.angle_alpha   90.00
_cell.angle_beta   90.00
_cell.angle_gamma   90.00
#
_symmetry.space_group_name_H-M   'P 42 21 2'
#
loop_
_entity.id
_entity.type
_entity.pdbx_description
1 polymer "HYPOTHETICAL TRANSCRIPTIONAL REGULATOR IN QACA 5'REGION"
2 non-polymer 'SULFATE ION'
3 non-polymer BERBERINE
4 water water
#
_entity_poly.entity_id   1
_entity_poly.type   'polypeptide(L)'
_entity_poly.pdbx_seq_one_letter_code
;MNLKDKILGVAKELFIKNGYNATTTGEIVKLSESSKGNLYYHFKTKENLFLEILNIEESKWQEQWKKEQIKAKTNREKFY
LYNELSLTTEYYYPLQNAIIEFYTEYYKTNSINEKMNKLENKYIDAYHVIFKEGNLNGEWSINDVNAVSKIAANAVNGIV
TFTHEQNINERIKLMNKFSQIFLNGLSKHHHHHH
;
_entity_poly.pdbx_strand_id   B,D,A,E
#
loop_
_chem_comp.id
_chem_comp.type
_chem_comp.name
_chem_comp.formula
BER non-polymer BERBERINE 'C20 H18 N O4 1'
SO4 non-polymer 'SULFATE ION' 'O4 S -2'
#
# COMPACT_ATOMS: atom_id res chain seq x y z
N ASN A 2 28.12 -45.05 7.54
CA ASN A 2 27.37 -45.54 6.34
C ASN A 2 27.45 -44.47 5.27
N LEU A 3 26.81 -44.73 4.14
CA LEU A 3 26.75 -43.79 3.02
C LEU A 3 25.28 -43.47 2.77
N LYS A 4 24.54 -44.44 2.20
CA LYS A 4 23.13 -44.24 1.89
C LYS A 4 22.33 -43.88 3.16
N ASP A 5 22.79 -44.33 4.32
CA ASP A 5 22.12 -43.99 5.57
C ASP A 5 22.71 -42.71 6.17
N LYS A 6 23.67 -42.11 5.47
CA LYS A 6 24.27 -40.87 5.95
C LYS A 6 23.77 -39.76 5.02
N ILE A 7 23.08 -40.18 3.96
CA ILE A 7 22.47 -39.28 2.96
C ILE A 7 21.14 -38.86 3.53
N LEU A 8 20.22 -39.83 3.67
CA LEU A 8 18.90 -39.58 4.21
C LEU A 8 19.13 -38.72 5.46
N GLY A 9 20.19 -39.03 6.19
CA GLY A 9 20.50 -38.27 7.37
C GLY A 9 20.67 -36.78 7.12
N VAL A 10 21.27 -36.41 5.99
CA VAL A 10 21.46 -34.99 5.69
C VAL A 10 20.22 -34.39 5.04
N ALA A 11 19.51 -35.18 4.22
CA ALA A 11 18.30 -34.65 3.61
C ALA A 11 17.30 -34.34 4.73
N LYS A 12 16.95 -35.35 5.51
CA LYS A 12 15.99 -35.17 6.60
C LYS A 12 16.15 -33.79 7.19
N GLU A 13 17.29 -33.57 7.80
CA GLU A 13 17.57 -32.30 8.45
C GLU A 13 17.47 -31.11 7.51
N LEU A 14 18.04 -31.24 6.31
CA LEU A 14 18.02 -30.15 5.32
C LEU A 14 16.60 -29.71 4.96
N PHE A 15 15.72 -30.69 4.71
CA PHE A 15 14.33 -30.40 4.38
C PHE A 15 13.69 -29.66 5.57
N ILE A 16 13.93 -30.19 6.78
CA ILE A 16 13.40 -29.60 8.00
C ILE A 16 13.83 -28.16 8.18
N LYS A 17 15.09 -27.86 7.89
CA LYS A 17 15.60 -26.50 8.01
C LYS A 17 15.16 -25.57 6.86
N ASN A 18 15.88 -25.67 5.75
CA ASN A 18 15.67 -24.85 4.57
C ASN A 18 14.31 -24.89 3.87
N GLY A 19 13.80 -26.09 3.59
CA GLY A 19 12.51 -26.20 2.91
C GLY A 19 12.50 -27.32 1.89
N TYR A 20 11.41 -27.54 1.17
CA TYR A 20 11.48 -28.60 0.19
C TYR A 20 12.34 -28.11 -0.96
N ASN A 21 12.21 -26.83 -1.27
CA ASN A 21 12.97 -26.26 -2.37
C ASN A 21 14.33 -25.84 -1.96
N ALA A 22 14.32 -25.04 -0.92
CA ALA A 22 15.51 -24.50 -0.30
C ALA A 22 16.66 -25.49 -0.35
N THR A 23 16.37 -26.77 -0.10
CA THR A 23 17.41 -27.78 -0.17
C THR A 23 17.35 -28.41 -1.55
N THR A 24 18.47 -28.27 -2.26
CA THR A 24 18.62 -28.79 -3.61
C THR A 24 19.48 -30.06 -3.63
N THR A 25 19.38 -30.81 -4.73
CA THR A 25 20.13 -32.06 -4.86
C THR A 25 21.61 -31.85 -4.59
N GLY A 26 22.17 -30.75 -5.12
CA GLY A 26 23.58 -30.44 -4.91
C GLY A 26 23.88 -30.36 -3.43
N GLU A 27 23.01 -29.62 -2.72
CA GLU A 27 23.12 -29.44 -1.28
C GLU A 27 23.40 -30.81 -0.67
N ILE A 28 22.33 -31.61 -0.59
CA ILE A 28 22.33 -32.96 -0.04
C ILE A 28 23.64 -33.69 -0.27
N VAL A 29 23.85 -34.11 -1.51
CA VAL A 29 25.05 -34.83 -1.92
C VAL A 29 26.33 -34.17 -1.42
N LYS A 30 26.41 -32.85 -1.54
CA LYS A 30 27.59 -32.13 -1.10
C LYS A 30 27.86 -32.42 0.39
N LEU A 31 27.05 -31.84 1.26
CA LEU A 31 27.20 -32.03 2.70
C LEU A 31 27.04 -33.49 3.09
N SER A 32 26.73 -34.33 2.11
CA SER A 32 26.55 -35.77 2.31
C SER A 32 27.83 -36.49 1.91
N GLU A 33 28.84 -35.72 1.49
CA GLU A 33 30.10 -36.31 1.05
C GLU A 33 29.88 -37.44 0.03
N SER A 34 28.88 -37.30 -0.83
CA SER A 34 28.61 -38.36 -1.80
C SER A 34 28.69 -37.94 -3.28
N SER A 35 28.56 -38.92 -4.17
CA SER A 35 28.62 -38.68 -5.61
C SER A 35 27.20 -38.50 -6.12
N LYS A 36 27.02 -37.54 -7.02
CA LYS A 36 25.71 -37.28 -7.59
C LYS A 36 25.06 -38.54 -8.19
N GLY A 37 25.83 -39.61 -8.34
CA GLY A 37 25.26 -40.81 -8.91
C GLY A 37 24.61 -41.67 -7.85
N ASN A 38 25.23 -41.72 -6.67
CA ASN A 38 24.73 -42.51 -5.54
C ASN A 38 23.24 -42.41 -5.51
N LEU A 39 22.80 -41.16 -5.50
CA LEU A 39 21.40 -40.83 -5.47
C LEU A 39 20.67 -41.71 -6.48
N TYR A 40 21.11 -41.70 -7.73
CA TYR A 40 20.43 -42.45 -8.78
C TYR A 40 19.98 -43.92 -8.57
N TYR A 41 20.88 -44.84 -8.17
CA TYR A 41 20.48 -46.26 -7.99
C TYR A 41 19.60 -46.51 -6.77
N HIS A 42 19.94 -45.90 -5.63
CA HIS A 42 19.12 -46.08 -4.44
C HIS A 42 17.92 -45.12 -4.40
N PHE A 43 18.19 -43.81 -4.50
CA PHE A 43 17.13 -42.79 -4.51
C PHE A 43 16.86 -42.36 -5.98
N LYS A 44 15.79 -42.88 -6.58
CA LYS A 44 15.47 -42.53 -7.98
C LYS A 44 15.61 -41.01 -8.16
N THR A 45 14.49 -40.30 -8.04
CA THR A 45 14.43 -38.85 -8.18
C THR A 45 14.75 -38.17 -6.82
N LYS A 46 14.67 -36.84 -6.75
CA LYS A 46 14.92 -36.13 -5.50
C LYS A 46 13.63 -36.07 -4.70
N GLU A 47 12.50 -36.04 -5.41
CA GLU A 47 11.21 -36.01 -4.74
C GLU A 47 11.04 -37.39 -4.13
N ASN A 48 11.81 -38.33 -4.67
CA ASN A 48 11.81 -39.71 -4.24
C ASN A 48 12.57 -39.81 -2.91
N LEU A 49 13.73 -39.14 -2.82
CA LEU A 49 14.56 -39.13 -1.61
C LEU A 49 13.73 -38.54 -0.49
N PHE A 50 12.81 -37.66 -0.87
CA PHE A 50 11.94 -36.98 0.08
C PHE A 50 10.77 -37.86 0.47
N LEU A 51 10.10 -38.41 -0.53
CA LEU A 51 8.96 -39.27 -0.26
C LEU A 51 9.44 -40.48 0.54
N GLU A 52 10.75 -40.64 0.61
CA GLU A 52 11.36 -41.75 1.31
C GLU A 52 11.46 -41.42 2.80
N ILE A 53 12.20 -40.35 3.09
CA ILE A 53 12.39 -39.89 4.46
C ILE A 53 11.05 -39.75 5.15
N LEU A 54 9.98 -39.63 4.36
CA LEU A 54 8.66 -39.51 4.93
C LEU A 54 8.22 -40.81 5.57
N ASN A 55 8.32 -41.94 4.86
CA ASN A 55 7.92 -43.22 5.45
C ASN A 55 8.83 -43.56 6.60
N ILE A 56 10.10 -43.21 6.42
CA ILE A 56 11.07 -43.42 7.47
C ILE A 56 10.45 -42.77 8.71
N GLU A 57 10.26 -41.45 8.66
CA GLU A 57 9.66 -40.72 9.79
C GLU A 57 8.33 -41.29 10.23
N GLU A 58 7.37 -41.45 9.31
CA GLU A 58 6.08 -41.99 9.70
C GLU A 58 6.19 -43.28 10.49
N SER A 59 7.21 -44.09 10.20
CA SER A 59 7.39 -45.33 10.94
C SER A 59 8.01 -45.09 12.31
N LYS A 60 9.21 -44.51 12.31
CA LYS A 60 9.87 -44.20 13.58
C LYS A 60 8.87 -43.65 14.60
N TRP A 61 8.00 -42.71 14.19
CA TRP A 61 7.01 -42.15 15.09
C TRP A 61 5.95 -43.18 15.47
N GLN A 62 5.41 -43.89 14.47
CA GLN A 62 4.37 -44.88 14.70
C GLN A 62 4.83 -45.96 15.67
N GLU A 63 6.13 -46.17 15.65
CA GLU A 63 6.75 -47.14 16.50
C GLU A 63 6.81 -46.61 17.95
N GLN A 64 7.44 -45.45 18.11
CA GLN A 64 7.56 -44.76 19.39
C GLN A 64 6.21 -44.69 20.05
N TRP A 65 5.18 -44.49 19.23
CA TRP A 65 3.82 -44.39 19.76
C TRP A 65 3.38 -45.66 20.45
N LYS A 66 3.69 -46.79 19.82
CA LYS A 66 3.31 -48.07 20.35
C LYS A 66 4.01 -48.35 21.68
N LYS A 67 5.29 -48.05 21.76
CA LYS A 67 6.01 -48.28 22.97
C LYS A 67 5.53 -47.45 24.15
N GLU A 68 4.91 -46.31 23.90
CA GLU A 68 4.48 -45.50 25.02
C GLU A 68 2.99 -45.58 25.25
N GLN A 69 2.25 -46.03 24.24
CA GLN A 69 0.79 -46.09 24.37
C GLN A 69 0.22 -47.00 25.45
N ILE A 70 1.08 -47.61 26.24
CA ILE A 70 0.60 -48.49 27.29
C ILE A 70 0.28 -47.60 28.46
N LYS A 71 1.04 -46.52 28.61
CA LYS A 71 0.79 -45.61 29.70
C LYS A 71 -0.71 -45.30 29.72
N ALA A 72 -1.33 -45.22 28.56
CA ALA A 72 -2.76 -44.93 28.50
C ALA A 72 -3.59 -46.19 28.57
N LYS A 73 -4.27 -46.40 29.68
CA LYS A 73 -5.07 -47.59 29.85
C LYS A 73 -6.30 -47.71 28.95
N THR A 74 -7.24 -46.77 28.97
CA THR A 74 -8.37 -46.93 28.04
C THR A 74 -8.07 -46.29 26.67
N ASN A 75 -8.93 -46.53 25.68
CA ASN A 75 -8.73 -45.97 24.37
C ASN A 75 -9.05 -44.50 24.36
N ARG A 76 -9.91 -44.07 25.28
CA ARG A 76 -10.27 -42.65 25.39
C ARG A 76 -9.03 -41.93 25.88
N GLU A 77 -8.27 -42.56 26.79
CA GLU A 77 -7.03 -41.94 27.26
C GLU A 77 -6.05 -41.97 26.07
N LYS A 78 -5.98 -43.09 25.36
CA LYS A 78 -5.09 -43.21 24.20
C LYS A 78 -5.33 -42.07 23.24
N PHE A 79 -6.57 -41.59 23.14
CA PHE A 79 -6.82 -40.49 22.21
C PHE A 79 -6.07 -39.23 22.65
N TYR A 80 -6.34 -38.75 23.86
CA TYR A 80 -5.64 -37.57 24.40
C TYR A 80 -4.12 -37.67 24.24
N LEU A 81 -3.57 -38.79 24.71
CA LEU A 81 -2.14 -39.06 24.67
C LEU A 81 -1.54 -39.01 23.28
N TYR A 82 -2.16 -39.70 22.33
CA TYR A 82 -1.63 -39.67 20.98
C TYR A 82 -1.50 -38.23 20.53
N ASN A 83 -2.60 -37.49 20.60
CA ASN A 83 -2.63 -36.09 20.24
C ASN A 83 -1.60 -35.30 21.03
N GLU A 84 -1.56 -35.53 22.34
CA GLU A 84 -0.59 -34.88 23.23
C GLU A 84 0.86 -35.07 22.77
N LEU A 85 1.29 -36.33 22.68
CA LEU A 85 2.65 -36.66 22.24
C LEU A 85 2.99 -36.07 20.89
N SER A 86 2.01 -36.06 19.97
CA SER A 86 2.23 -35.50 18.62
C SER A 86 2.96 -34.16 18.66
N LEU A 87 2.57 -33.30 19.61
CA LEU A 87 3.17 -31.98 19.78
C LEU A 87 4.60 -32.10 20.17
N THR A 88 4.92 -33.06 21.03
CA THR A 88 6.29 -33.20 21.48
C THR A 88 7.26 -34.11 20.71
N THR A 89 6.79 -34.99 19.82
CA THR A 89 7.71 -35.89 19.06
C THR A 89 8.76 -35.13 18.29
N GLU A 90 9.67 -35.90 17.70
CA GLU A 90 10.76 -35.37 16.90
C GLU A 90 10.61 -36.00 15.54
N TYR A 91 9.64 -36.90 15.44
CA TYR A 91 9.42 -37.62 14.20
C TYR A 91 8.31 -37.09 13.33
N TYR A 92 8.50 -37.22 12.04
CA TYR A 92 7.50 -36.83 11.09
C TYR A 92 6.96 -35.38 11.24
N TYR A 93 6.14 -35.13 12.25
CA TYR A 93 5.58 -33.82 12.42
C TYR A 93 6.42 -32.62 12.06
N PRO A 94 7.73 -32.64 12.35
CA PRO A 94 8.65 -31.52 12.04
C PRO A 94 8.65 -31.04 10.59
N LEU A 95 8.83 -31.96 9.65
CA LEU A 95 8.81 -31.56 8.26
C LEU A 95 7.39 -31.74 7.74
N GLN A 96 6.45 -31.05 8.39
CA GLN A 96 5.04 -31.07 8.00
C GLN A 96 4.93 -29.91 7.01
N ASN A 97 5.83 -28.94 7.18
CA ASN A 97 5.93 -27.77 6.31
C ASN A 97 6.39 -28.24 4.95
N ALA A 98 7.50 -28.97 4.98
CA ALA A 98 8.09 -29.52 3.78
C ALA A 98 6.99 -30.17 2.99
N ILE A 99 6.13 -30.90 3.68
CA ILE A 99 5.01 -31.57 3.02
C ILE A 99 4.20 -30.54 2.23
N ILE A 100 3.51 -29.66 2.96
CA ILE A 100 2.67 -28.64 2.36
C ILE A 100 3.29 -28.04 1.12
N GLU A 101 4.52 -27.55 1.26
CA GLU A 101 5.25 -26.94 0.16
C GLU A 101 5.30 -27.91 -0.98
N PHE A 102 5.90 -29.06 -0.74
CA PHE A 102 6.05 -30.09 -1.75
C PHE A 102 4.75 -30.61 -2.37
N TYR A 103 3.64 -30.54 -1.66
CA TYR A 103 2.43 -31.05 -2.29
C TYR A 103 1.95 -30.07 -3.31
N THR A 104 2.03 -28.79 -2.97
CA THR A 104 1.57 -27.79 -3.91
C THR A 104 2.61 -27.58 -4.99
N GLU A 105 3.76 -28.21 -4.87
CA GLU A 105 4.76 -28.02 -5.90
C GLU A 105 4.92 -29.20 -6.84
N TYR A 106 4.11 -30.22 -6.65
CA TYR A 106 4.13 -31.39 -7.49
C TYR A 106 2.74 -31.97 -7.62
N TYR A 107 1.72 -31.22 -7.19
CA TYR A 107 0.34 -31.73 -7.26
C TYR A 107 -0.20 -31.85 -8.69
N LYS A 108 0.46 -31.18 -9.63
CA LYS A 108 0.08 -31.21 -11.05
C LYS A 108 0.68 -32.45 -11.74
N THR A 109 1.05 -33.45 -10.94
CA THR A 109 1.62 -34.70 -11.44
C THR A 109 0.80 -35.84 -10.82
N ASN A 110 1.08 -37.09 -11.18
CA ASN A 110 0.30 -38.16 -10.62
C ASN A 110 1.00 -39.05 -9.61
N SER A 111 2.33 -39.08 -9.65
CA SER A 111 3.06 -39.88 -8.66
C SER A 111 2.82 -39.30 -7.28
N ILE A 112 1.91 -38.32 -7.23
CA ILE A 112 1.53 -37.61 -6.00
C ILE A 112 0.48 -38.37 -5.22
N ASN A 113 -0.76 -38.30 -5.70
CA ASN A 113 -1.88 -38.98 -5.05
C ASN A 113 -1.58 -40.48 -4.96
N GLU A 114 -0.89 -40.98 -5.97
CA GLU A 114 -0.54 -42.39 -6.00
C GLU A 114 0.30 -42.81 -4.79
N LYS A 115 1.12 -41.90 -4.26
CA LYS A 115 1.98 -42.21 -3.11
C LYS A 115 1.62 -41.42 -1.86
N MET A 116 0.94 -40.29 -2.05
CA MET A 116 0.56 -39.49 -0.90
C MET A 116 -0.39 -40.35 -0.10
N ASN A 117 -1.53 -40.67 -0.72
CA ASN A 117 -2.55 -41.50 -0.08
C ASN A 117 -1.91 -42.75 0.55
N LYS A 118 -0.77 -43.18 0.02
CA LYS A 118 -0.12 -44.35 0.58
C LYS A 118 0.39 -43.95 1.96
N LEU A 119 1.02 -42.78 2.04
CA LEU A 119 1.56 -42.26 3.30
C LEU A 119 0.47 -41.70 4.18
N GLU A 120 -0.64 -41.30 3.53
CA GLU A 120 -1.79 -40.75 4.22
C GLU A 120 -2.63 -41.87 4.84
N ASN A 121 -2.45 -43.11 4.42
CA ASN A 121 -3.21 -44.19 5.02
C ASN A 121 -2.45 -44.76 6.21
N LYS A 122 -1.14 -44.58 6.20
CA LYS A 122 -0.28 -45.06 7.27
C LYS A 122 -0.56 -44.11 8.43
N TYR A 123 -0.61 -42.84 8.08
CA TYR A 123 -0.87 -41.71 8.95
C TYR A 123 -2.19 -41.80 9.72
N ILE A 124 -3.32 -41.74 9.02
CA ILE A 124 -4.58 -41.79 9.72
C ILE A 124 -4.85 -43.15 10.30
N ASP A 125 -3.92 -44.06 10.16
CA ASP A 125 -4.18 -45.37 10.70
C ASP A 125 -4.20 -45.44 12.24
N ALA A 126 -3.29 -44.74 12.90
CA ALA A 126 -3.25 -44.78 14.35
C ALA A 126 -4.61 -44.52 15.01
N TYR A 127 -5.43 -43.71 14.37
CA TYR A 127 -6.74 -43.35 14.90
C TYR A 127 -7.76 -44.41 14.55
N HIS A 128 -7.54 -45.07 13.43
CA HIS A 128 -8.43 -46.12 12.95
C HIS A 128 -8.62 -47.15 14.07
N VAL A 129 -7.50 -47.57 14.65
CA VAL A 129 -7.46 -48.56 15.74
C VAL A 129 -8.03 -48.04 17.07
N ILE A 130 -7.61 -46.84 17.44
CA ILE A 130 -8.08 -46.22 18.66
C ILE A 130 -9.60 -46.08 18.62
N PHE A 131 -10.17 -45.90 17.43
CA PHE A 131 -11.61 -45.74 17.32
C PHE A 131 -12.26 -47.09 17.19
N LYS A 132 -11.68 -47.93 16.35
CA LYS A 132 -12.18 -49.28 16.12
C LYS A 132 -12.30 -50.01 17.46
N GLU A 133 -11.17 -50.07 18.18
CA GLU A 133 -11.13 -50.71 19.48
C GLU A 133 -12.19 -50.10 20.37
N GLY A 134 -12.25 -48.78 20.39
CA GLY A 134 -13.26 -48.12 21.20
C GLY A 134 -14.64 -48.70 20.99
N ASN A 135 -14.94 -49.13 19.77
CA ASN A 135 -16.24 -49.72 19.47
C ASN A 135 -16.31 -51.05 20.22
N LEU A 136 -15.33 -51.90 19.93
CA LEU A 136 -15.19 -53.21 20.56
C LEU A 136 -15.20 -53.04 22.08
N ASN A 137 -14.34 -52.15 22.56
CA ASN A 137 -14.13 -51.80 23.97
C ASN A 137 -15.37 -51.28 24.68
N GLY A 138 -16.30 -50.72 23.92
CA GLY A 138 -17.52 -50.19 24.49
C GLY A 138 -17.42 -48.70 24.86
N GLU A 139 -16.22 -48.12 24.81
CA GLU A 139 -16.05 -46.70 25.17
C GLU A 139 -16.84 -45.74 24.29
N TRP A 140 -17.32 -46.23 23.16
CA TRP A 140 -18.09 -45.40 22.25
C TRP A 140 -18.54 -46.20 21.04
N SER A 141 -19.39 -45.57 20.25
CA SER A 141 -19.90 -46.17 19.04
C SER A 141 -19.72 -45.17 17.91
N ILE A 142 -18.89 -45.57 16.94
CA ILE A 142 -18.57 -44.75 15.78
C ILE A 142 -18.86 -45.64 14.58
N ASN A 143 -19.76 -45.23 13.69
CA ASN A 143 -20.03 -46.08 12.52
C ASN A 143 -19.06 -45.81 11.38
N ASP A 144 -18.76 -44.54 11.17
CA ASP A 144 -17.87 -44.07 10.10
C ASP A 144 -16.38 -44.00 10.42
N VAL A 145 -15.92 -44.77 11.41
CA VAL A 145 -14.52 -44.82 11.84
C VAL A 145 -13.49 -44.30 10.84
N ASN A 146 -13.49 -44.87 9.65
CA ASN A 146 -12.52 -44.46 8.63
C ASN A 146 -12.62 -42.97 8.34
N ALA A 147 -13.84 -42.45 8.36
CA ALA A 147 -14.10 -41.05 8.11
C ALA A 147 -13.49 -40.25 9.23
N VAL A 148 -13.99 -40.54 10.43
CA VAL A 148 -13.55 -39.90 11.67
C VAL A 148 -12.04 -39.89 11.82
N SER A 149 -11.40 -41.00 11.49
CA SER A 149 -9.96 -41.05 11.59
C SER A 149 -9.36 -39.95 10.71
N LYS A 150 -9.76 -39.90 9.45
CA LYS A 150 -9.29 -38.88 8.51
C LYS A 150 -9.48 -37.47 9.07
N ILE A 151 -10.68 -37.20 9.59
CA ILE A 151 -11.02 -35.88 10.15
C ILE A 151 -10.17 -35.54 11.34
N ALA A 152 -10.12 -36.45 12.30
CA ALA A 152 -9.34 -36.21 13.49
C ALA A 152 -7.85 -35.98 13.18
N ALA A 153 -7.29 -36.85 12.34
CA ALA A 153 -5.89 -36.75 12.00
C ALA A 153 -5.53 -35.41 11.42
N ASN A 154 -6.45 -34.79 10.70
CA ASN A 154 -6.11 -33.51 10.11
C ASN A 154 -6.39 -32.32 10.97
N ALA A 155 -7.45 -32.38 11.77
CA ALA A 155 -7.75 -31.28 12.65
C ALA A 155 -6.51 -31.22 13.55
N VAL A 156 -6.13 -32.37 14.08
CA VAL A 156 -4.95 -32.46 14.95
C VAL A 156 -3.65 -32.01 14.30
N ASN A 157 -3.47 -32.32 13.03
CA ASN A 157 -2.26 -31.92 12.35
C ASN A 157 -2.26 -30.40 12.16
N GLY A 158 -3.46 -29.83 12.19
CA GLY A 158 -3.56 -28.40 12.02
C GLY A 158 -3.05 -27.80 13.29
N ILE A 159 -3.63 -28.24 14.41
CA ILE A 159 -3.24 -27.72 15.72
C ILE A 159 -1.75 -27.87 15.99
N VAL A 160 -1.19 -29.03 15.66
CA VAL A 160 0.24 -29.22 15.90
C VAL A 160 1.05 -28.26 15.06
N THR A 161 0.67 -28.14 13.78
CA THR A 161 1.38 -27.30 12.81
C THR A 161 1.20 -25.78 12.87
N PHE A 162 -0.03 -25.32 12.95
CA PHE A 162 -0.23 -23.89 12.96
C PHE A 162 -0.15 -23.23 14.31
N THR A 163 0.61 -23.82 15.23
CA THR A 163 0.80 -23.22 16.56
C THR A 163 2.27 -23.28 16.98
N HIS A 164 3.14 -23.81 16.11
CA HIS A 164 4.57 -23.93 16.42
C HIS A 164 5.26 -22.56 16.47
N GLU A 165 5.21 -21.96 17.66
CA GLU A 165 5.81 -20.68 17.93
C GLU A 165 5.43 -20.17 19.32
N GLN A 166 4.25 -20.59 19.81
CA GLN A 166 3.77 -20.16 21.13
C GLN A 166 4.13 -21.21 22.20
N ASN A 167 4.17 -20.75 23.45
CA ASN A 167 4.54 -21.59 24.59
C ASN A 167 4.13 -23.06 24.52
N ILE A 168 5.11 -23.94 24.54
CA ILE A 168 4.87 -25.37 24.45
C ILE A 168 3.81 -25.91 25.38
N ASN A 169 3.56 -25.22 26.48
CA ASN A 169 2.56 -25.72 27.41
C ASN A 169 1.16 -25.33 27.04
N GLU A 170 1.02 -24.20 26.36
CA GLU A 170 -0.30 -23.73 25.98
C GLU A 170 -0.86 -24.63 24.88
N ARG A 171 0.05 -25.23 24.12
CA ARG A 171 -0.30 -26.12 23.04
C ARG A 171 -0.95 -27.34 23.67
N ILE A 172 -0.25 -27.93 24.64
CA ILE A 172 -0.76 -29.10 25.33
C ILE A 172 -2.12 -28.76 25.92
N LYS A 173 -2.29 -27.55 26.42
CA LYS A 173 -3.61 -27.20 26.96
C LYS A 173 -4.56 -27.17 25.80
N LEU A 174 -4.32 -26.30 24.82
CA LEU A 174 -5.19 -26.21 23.67
C LEU A 174 -5.58 -27.59 23.15
N MET A 175 -4.55 -28.36 22.81
CA MET A 175 -4.72 -29.70 22.27
C MET A 175 -5.63 -30.58 23.11
N ASN A 176 -5.57 -30.41 24.42
CA ASN A 176 -6.39 -31.21 25.32
C ASN A 176 -7.82 -30.76 25.45
N LYS A 177 -8.10 -29.48 25.21
CA LYS A 177 -9.46 -29.01 25.30
C LYS A 177 -10.07 -29.52 24.00
N PHE A 178 -9.24 -29.62 22.96
CA PHE A 178 -9.72 -30.12 21.68
C PHE A 178 -10.08 -31.59 21.82
N SER A 179 -9.10 -32.41 22.21
CA SER A 179 -9.30 -33.85 22.34
C SER A 179 -10.58 -34.10 23.09
N GLN A 180 -10.93 -33.18 23.95
CA GLN A 180 -12.12 -33.30 24.74
C GLN A 180 -13.36 -32.96 23.91
N ILE A 181 -13.41 -31.74 23.40
CA ILE A 181 -14.53 -31.29 22.58
C ILE A 181 -14.88 -32.36 21.56
N PHE A 182 -13.85 -32.97 20.97
CA PHE A 182 -13.99 -33.98 19.92
C PHE A 182 -14.58 -35.30 20.35
N LEU A 183 -14.01 -35.92 21.37
CA LEU A 183 -14.51 -37.19 21.88
C LEU A 183 -15.91 -36.96 22.37
N ASN A 184 -16.21 -35.73 22.73
CA ASN A 184 -17.52 -35.45 23.22
C ASN A 184 -18.50 -35.46 22.11
N GLY A 185 -18.14 -34.90 20.97
CA GLY A 185 -19.05 -34.87 19.85
C GLY A 185 -19.35 -36.25 19.28
N LEU A 186 -18.53 -37.23 19.65
CA LEU A 186 -18.73 -38.58 19.15
C LEU A 186 -19.81 -39.34 19.86
N SER A 187 -19.96 -39.09 21.16
CA SER A 187 -20.97 -39.78 21.96
C SER A 187 -22.09 -38.84 22.40
N ASN B 2 -8.92 44.05 20.71
CA ASN B 2 -9.58 42.71 20.54
C ASN B 2 -8.59 41.57 20.84
N LEU B 3 -9.04 40.32 20.64
CA LEU B 3 -8.23 39.11 20.89
C LEU B 3 -8.56 38.02 19.88
N LYS B 4 -9.81 37.99 19.41
CA LYS B 4 -10.19 36.99 18.41
C LYS B 4 -9.52 37.41 17.10
N ASP B 5 -9.46 38.72 16.89
CA ASP B 5 -8.87 39.31 15.69
C ASP B 5 -7.36 39.36 15.69
N LYS B 6 -6.76 39.31 16.87
CA LYS B 6 -5.30 39.30 16.99
C LYS B 6 -4.80 37.89 16.67
N ILE B 7 -5.61 36.88 17.00
CA ILE B 7 -5.24 35.52 16.73
C ILE B 7 -5.34 35.29 15.24
N LEU B 8 -6.39 35.84 14.63
CA LEU B 8 -6.56 35.69 13.19
C LEU B 8 -5.37 36.36 12.52
N GLY B 9 -4.93 37.45 13.12
CA GLY B 9 -3.82 38.21 12.57
C GLY B 9 -2.52 37.47 12.50
N VAL B 10 -2.00 37.07 13.65
CA VAL B 10 -0.76 36.34 13.70
C VAL B 10 -0.90 35.13 12.74
N ALA B 11 -2.00 34.39 12.90
CA ALA B 11 -2.25 33.22 12.06
C ALA B 11 -1.98 33.55 10.59
N LYS B 12 -2.81 34.39 9.98
CA LYS B 12 -2.61 34.74 8.57
C LYS B 12 -1.15 35.00 8.33
N GLU B 13 -0.58 35.88 9.15
CA GLU B 13 0.82 36.24 9.02
C GLU B 13 1.78 35.10 9.01
N LEU B 14 1.55 34.12 9.88
CA LEU B 14 2.42 32.95 9.92
C LEU B 14 2.15 32.05 8.71
N PHE B 15 0.90 31.63 8.50
CA PHE B 15 0.61 30.78 7.34
C PHE B 15 1.32 31.22 6.04
N ILE B 16 1.39 32.53 5.84
CA ILE B 16 2.01 33.09 4.66
C ILE B 16 3.51 32.94 4.69
N LYS B 17 4.10 33.34 5.77
CA LYS B 17 5.52 33.27 5.86
C LYS B 17 6.01 31.94 6.41
N ASN B 18 5.19 30.88 6.37
CA ASN B 18 5.62 29.59 6.96
C ASN B 18 5.04 28.33 6.38
N GLY B 19 3.90 28.46 5.73
CA GLY B 19 3.28 27.29 5.15
C GLY B 19 2.33 26.78 6.21
N TYR B 20 1.53 25.81 5.81
CA TYR B 20 0.53 25.28 6.70
C TYR B 20 1.09 24.21 7.64
N ASN B 21 1.50 23.04 7.16
CA ASN B 21 2.02 22.08 8.10
C ASN B 21 3.06 22.61 9.01
N ALA B 22 3.51 23.79 8.74
CA ALA B 22 4.59 24.23 9.54
C ALA B 22 4.33 25.32 10.52
N THR B 23 3.12 25.86 10.57
CA THR B 23 2.77 26.94 11.49
C THR B 23 2.02 26.29 12.61
N THR B 24 2.71 26.09 13.72
CA THR B 24 2.13 25.45 14.88
C THR B 24 1.13 26.30 15.65
N THR B 25 0.21 25.63 16.35
CA THR B 25 -0.79 26.32 17.13
C THR B 25 -0.16 27.10 18.24
N GLY B 26 0.77 26.48 18.94
CA GLY B 26 1.41 27.17 20.04
C GLY B 26 2.17 28.40 19.63
N GLU B 27 2.61 28.42 18.38
CA GLU B 27 3.34 29.56 17.85
C GLU B 27 2.30 30.64 17.68
N ILE B 28 1.18 30.28 17.05
CA ILE B 28 0.08 31.20 16.81
C ILE B 28 -0.31 31.86 18.11
N VAL B 29 -0.59 31.04 19.10
CA VAL B 29 -0.99 31.48 20.43
C VAL B 29 0.00 32.42 21.15
N LYS B 30 1.26 32.02 21.29
CA LYS B 30 2.19 32.86 22.02
C LYS B 30 2.62 34.15 21.36
N LEU B 31 2.31 34.33 20.08
CA LEU B 31 2.69 35.57 19.41
C LEU B 31 1.52 36.53 19.47
N SER B 32 0.35 35.96 19.68
CA SER B 32 -0.85 36.74 19.79
C SER B 32 -1.11 36.92 21.27
N GLU B 33 -0.11 36.59 22.07
CA GLU B 33 -0.18 36.72 23.53
C GLU B 33 -1.44 36.21 24.22
N SER B 34 -1.93 35.04 23.83
CA SER B 34 -3.12 34.54 24.50
C SER B 34 -2.91 33.11 24.92
N SER B 35 -3.97 32.30 24.85
CA SER B 35 -3.87 30.92 25.29
C SER B 35 -4.40 29.85 24.37
N LYS B 36 -3.79 28.68 24.48
CA LYS B 36 -4.19 27.55 23.66
C LYS B 36 -5.68 27.32 23.89
N GLY B 37 -6.08 27.21 25.15
CA GLY B 37 -7.49 26.98 25.42
C GLY B 37 -8.38 28.01 24.76
N ASN B 38 -7.88 29.23 24.67
CA ASN B 38 -8.61 30.33 24.09
C ASN B 38 -8.74 30.23 22.56
N LEU B 39 -7.73 29.67 21.91
CA LEU B 39 -7.78 29.54 20.46
C LEU B 39 -8.88 28.56 20.10
N TYR B 40 -8.96 27.47 20.87
CA TYR B 40 -9.94 26.41 20.66
C TYR B 40 -11.36 26.89 20.95
N TYR B 41 -11.48 27.83 21.89
CA TYR B 41 -12.77 28.38 22.25
C TYR B 41 -13.43 29.06 21.04
N HIS B 42 -12.68 29.94 20.37
CA HIS B 42 -13.15 30.70 19.21
C HIS B 42 -13.16 30.00 17.87
N PHE B 43 -12.19 29.15 17.65
CA PHE B 43 -12.10 28.43 16.39
C PHE B 43 -11.87 26.96 16.74
N LYS B 44 -12.91 26.16 16.61
CA LYS B 44 -12.82 24.74 16.94
C LYS B 44 -11.38 24.18 16.99
N THR B 45 -10.75 24.15 15.82
CA THR B 45 -9.41 23.61 15.65
C THR B 45 -8.49 24.48 14.76
N LYS B 46 -7.23 24.08 14.62
CA LYS B 46 -6.31 24.84 13.79
C LYS B 46 -6.91 24.88 12.40
N GLU B 47 -7.06 23.70 11.82
CA GLU B 47 -7.60 23.56 10.48
C GLU B 47 -8.93 24.24 10.26
N ASN B 48 -9.64 24.49 11.34
CA ASN B 48 -10.93 25.14 11.18
C ASN B 48 -10.71 26.65 11.12
N LEU B 49 -9.60 27.08 11.76
CA LEU B 49 -9.17 28.47 11.81
C LEU B 49 -8.65 28.85 10.44
N PHE B 50 -7.78 28.02 9.89
CA PHE B 50 -7.26 28.33 8.58
C PHE B 50 -8.40 28.37 7.60
N LEU B 51 -9.39 27.50 7.74
CA LEU B 51 -10.48 27.51 6.78
C LEU B 51 -11.16 28.86 6.71
N GLU B 52 -11.21 29.55 7.84
CA GLU B 52 -11.84 30.86 7.92
C GLU B 52 -10.93 31.95 7.34
N ILE B 53 -9.70 32.04 7.85
CA ILE B 53 -8.73 33.01 7.37
C ILE B 53 -8.80 33.01 5.85
N LEU B 54 -8.79 31.80 5.33
CA LEU B 54 -8.82 31.54 3.90
C LEU B 54 -10.10 32.01 3.27
N ASN B 55 -11.17 32.04 4.03
CA ASN B 55 -12.44 32.47 3.48
C ASN B 55 -12.53 33.99 3.42
N ILE B 56 -11.86 34.64 4.37
CA ILE B 56 -11.87 36.10 4.44
C ILE B 56 -11.02 36.75 3.34
N GLU B 57 -9.89 36.14 3.02
CA GLU B 57 -9.04 36.68 1.98
C GLU B 57 -9.84 36.48 0.71
N GLU B 58 -10.46 35.33 0.61
CA GLU B 58 -11.26 34.95 -0.54
C GLU B 58 -12.22 36.03 -0.97
N SER B 59 -12.86 36.64 0.01
CA SER B 59 -13.82 37.68 -0.28
C SER B 59 -13.21 39.09 -0.35
N LYS B 60 -12.29 39.38 0.56
CA LYS B 60 -11.65 40.68 0.55
C LYS B 60 -10.98 40.88 -0.77
N TRP B 61 -10.60 39.78 -1.43
CA TRP B 61 -9.96 39.85 -2.74
C TRP B 61 -11.03 40.03 -3.76
N GLN B 62 -12.09 39.24 -3.61
CA GLN B 62 -13.20 39.28 -4.53
C GLN B 62 -13.94 40.62 -4.48
N GLU B 63 -13.94 41.25 -3.32
CA GLU B 63 -14.61 42.52 -3.18
C GLU B 63 -13.83 43.67 -3.79
N GLN B 64 -12.52 43.63 -3.59
CA GLN B 64 -11.64 44.64 -4.14
C GLN B 64 -11.74 44.59 -5.64
N TRP B 65 -11.87 43.40 -6.19
CA TRP B 65 -11.98 43.24 -7.63
C TRP B 65 -13.29 43.81 -8.13
N LYS B 66 -14.34 43.69 -7.35
CA LYS B 66 -15.63 44.23 -7.77
C LYS B 66 -15.52 45.75 -7.89
N LYS B 67 -14.96 46.37 -6.86
CA LYS B 67 -14.82 47.81 -6.85
C LYS B 67 -13.84 48.32 -7.91
N GLU B 68 -12.98 47.42 -8.41
CA GLU B 68 -11.95 47.79 -9.37
C GLU B 68 -12.16 47.42 -10.83
N GLN B 69 -12.97 46.41 -11.09
CA GLN B 69 -13.20 46.00 -12.47
C GLN B 69 -13.90 47.05 -13.29
N ILE B 70 -14.29 48.15 -12.66
CA ILE B 70 -15.00 49.19 -13.38
C ILE B 70 -14.16 49.71 -14.50
N LYS B 71 -12.94 50.10 -14.19
CA LYS B 71 -12.03 50.63 -15.19
C LYS B 71 -11.86 49.78 -16.46
N ALA B 72 -12.34 48.54 -16.46
CA ALA B 72 -12.20 47.69 -17.64
C ALA B 72 -13.54 47.62 -18.35
N LYS B 73 -13.66 48.38 -19.43
CA LYS B 73 -14.90 48.46 -20.20
C LYS B 73 -15.40 47.19 -20.82
N THR B 74 -14.53 46.44 -21.47
CA THR B 74 -14.92 45.19 -22.11
C THR B 74 -14.41 44.02 -21.29
N ASN B 75 -14.99 42.86 -21.49
CA ASN B 75 -14.54 41.68 -20.78
C ASN B 75 -13.16 41.27 -21.25
N ARG B 76 -12.78 41.73 -22.44
CA ARG B 76 -11.45 41.40 -22.91
C ARG B 76 -10.45 42.15 -22.02
N GLU B 77 -10.87 43.30 -21.45
CA GLU B 77 -10.01 44.10 -20.58
C GLU B 77 -10.07 43.56 -19.16
N LYS B 78 -11.26 43.16 -18.73
CA LYS B 78 -11.45 42.62 -17.39
C LYS B 78 -10.48 41.47 -17.22
N PHE B 79 -10.36 40.65 -18.25
CA PHE B 79 -9.44 39.52 -18.21
C PHE B 79 -8.05 40.06 -17.89
N TYR B 80 -7.46 40.81 -18.81
CA TYR B 80 -6.12 41.41 -18.65
C TYR B 80 -5.91 42.01 -17.29
N LEU B 81 -6.87 42.83 -16.88
CA LEU B 81 -6.79 43.52 -15.62
C LEU B 81 -6.85 42.58 -14.42
N TYR B 82 -7.83 41.66 -14.38
CA TYR B 82 -7.94 40.70 -13.28
C TYR B 82 -6.62 39.95 -13.09
N ASN B 83 -6.00 39.57 -14.20
CA ASN B 83 -4.75 38.87 -14.14
C ASN B 83 -3.66 39.79 -13.57
N GLU B 84 -3.73 41.09 -13.86
CA GLU B 84 -2.70 42.01 -13.36
C GLU B 84 -2.79 42.31 -11.91
N LEU B 85 -3.99 42.57 -11.43
CA LEU B 85 -4.17 42.86 -10.03
C LEU B 85 -3.77 41.66 -9.20
N SER B 86 -3.96 40.46 -9.74
CA SER B 86 -3.60 39.27 -9.01
C SER B 86 -2.18 39.33 -8.46
N LEU B 87 -1.27 39.85 -9.27
CA LEU B 87 0.12 39.98 -8.91
C LEU B 87 0.41 41.01 -7.86
N THR B 88 -0.53 41.92 -7.64
CA THR B 88 -0.29 42.97 -6.67
C THR B 88 -1.20 42.98 -5.45
N THR B 89 -2.42 42.45 -5.55
CA THR B 89 -3.33 42.42 -4.40
C THR B 89 -2.60 41.83 -3.18
N GLU B 90 -2.97 42.24 -1.99
CA GLU B 90 -2.32 41.71 -0.82
C GLU B 90 -3.25 40.69 -0.24
N TYR B 91 -4.22 40.25 -1.04
CA TYR B 91 -5.22 39.27 -0.60
C TYR B 91 -5.20 37.87 -1.21
N TYR B 92 -5.50 36.88 -0.41
CA TYR B 92 -5.60 35.54 -0.95
C TYR B 92 -4.34 34.96 -1.55
N TYR B 93 -4.02 35.33 -2.78
CA TYR B 93 -2.84 34.76 -3.43
C TYR B 93 -1.58 34.47 -2.62
N PRO B 94 -1.39 35.13 -1.46
CA PRO B 94 -0.16 34.78 -0.73
C PRO B 94 -0.28 33.48 0.05
N LEU B 95 -1.49 33.00 0.27
CA LEU B 95 -1.68 31.77 1.00
C LEU B 95 -1.62 30.57 0.09
N GLN B 96 -1.50 30.80 -1.22
CA GLN B 96 -1.45 29.71 -2.18
C GLN B 96 -0.52 28.63 -1.71
N ASN B 97 0.54 29.02 -1.01
CA ASN B 97 1.47 28.04 -0.51
C ASN B 97 0.88 27.18 0.59
N ALA B 98 0.07 27.77 1.45
CA ALA B 98 -0.58 27.03 2.53
C ALA B 98 -1.78 26.27 1.95
N ILE B 99 -2.54 26.96 1.11
CA ILE B 99 -3.70 26.38 0.46
C ILE B 99 -3.32 25.04 -0.08
N ILE B 100 -2.12 24.92 -0.63
CA ILE B 100 -1.69 23.62 -1.18
C ILE B 100 -1.46 22.59 -0.09
N GLU B 101 -0.44 22.81 0.73
CA GLU B 101 -0.13 21.87 1.79
C GLU B 101 -1.38 21.43 2.54
N PHE B 102 -2.34 22.33 2.67
CA PHE B 102 -3.57 22.01 3.36
C PHE B 102 -4.34 21.02 2.51
N TYR B 103 -4.96 21.48 1.44
CA TYR B 103 -5.74 20.59 0.56
C TYR B 103 -5.03 19.26 0.37
N THR B 104 -3.74 19.31 0.09
CA THR B 104 -3.04 18.08 -0.13
C THR B 104 -2.95 17.20 1.12
N GLU B 105 -3.82 17.44 2.10
CA GLU B 105 -3.79 16.65 3.32
C GLU B 105 -5.18 16.31 3.78
N TYR B 106 -6.13 17.21 3.57
CA TYR B 106 -7.50 16.94 3.95
C TYR B 106 -8.39 16.76 2.72
N TYR B 107 -7.81 16.29 1.61
CA TYR B 107 -8.61 16.08 0.39
C TYR B 107 -9.22 14.71 0.45
N LYS B 108 -9.08 14.10 1.62
CA LYS B 108 -9.58 12.77 1.90
C LYS B 108 -10.84 12.90 2.75
N THR B 109 -10.73 13.68 3.81
CA THR B 109 -11.82 13.89 4.74
C THR B 109 -12.99 14.65 4.11
N ASN B 110 -14.09 13.94 3.87
CA ASN B 110 -15.29 14.52 3.26
C ASN B 110 -15.64 15.88 3.83
N SER B 111 -15.54 15.98 5.15
CA SER B 111 -15.84 17.21 5.89
C SER B 111 -15.20 18.43 5.25
N ILE B 112 -13.89 18.58 5.45
CA ILE B 112 -13.15 19.72 4.90
C ILE B 112 -13.19 19.82 3.37
N ASN B 113 -13.40 18.71 2.68
CA ASN B 113 -13.40 18.76 1.21
C ASN B 113 -14.61 19.35 0.52
N GLU B 114 -15.64 19.68 1.27
CA GLU B 114 -16.81 20.32 0.67
C GLU B 114 -16.56 21.81 0.83
N LYS B 115 -16.14 22.18 2.03
CA LYS B 115 -15.84 23.56 2.35
C LYS B 115 -14.84 24.06 1.34
N MET B 116 -13.92 23.19 0.94
CA MET B 116 -12.87 23.50 -0.03
C MET B 116 -13.45 23.79 -1.40
N ASN B 117 -14.38 22.96 -1.84
CA ASN B 117 -15.01 23.18 -3.12
C ASN B 117 -15.80 24.44 -3.02
N LYS B 118 -16.30 24.76 -1.83
CA LYS B 118 -17.05 26.00 -1.74
C LYS B 118 -16.10 27.10 -2.26
N LEU B 119 -14.91 27.18 -1.68
CA LEU B 119 -13.94 28.20 -2.06
C LEU B 119 -13.35 28.01 -3.46
N GLU B 120 -13.12 26.77 -3.86
CA GLU B 120 -12.59 26.50 -5.20
C GLU B 120 -13.45 27.25 -6.20
N ASN B 121 -14.73 26.93 -6.21
CA ASN B 121 -15.68 27.54 -7.12
C ASN B 121 -15.83 29.03 -6.97
N LYS B 122 -15.86 29.51 -5.72
CA LYS B 122 -15.98 30.95 -5.48
C LYS B 122 -14.83 31.62 -6.26
N TYR B 123 -13.67 30.97 -6.28
CA TYR B 123 -12.52 31.51 -6.98
C TYR B 123 -12.58 31.43 -8.51
N ILE B 124 -12.75 30.24 -9.08
CA ILE B 124 -12.82 30.09 -10.54
C ILE B 124 -13.97 30.89 -11.07
N ASP B 125 -14.94 31.07 -10.20
CA ASP B 125 -16.14 31.80 -10.52
C ASP B 125 -15.87 33.09 -11.29
N ALA B 126 -15.06 33.98 -10.70
CA ALA B 126 -14.70 35.27 -11.29
C ALA B 126 -14.29 35.21 -12.77
N TYR B 127 -13.53 34.19 -13.17
CA TYR B 127 -13.14 34.03 -14.56
C TYR B 127 -14.37 33.57 -15.30
N HIS B 128 -15.24 32.89 -14.58
CA HIS B 128 -16.45 32.39 -15.19
C HIS B 128 -17.21 33.54 -15.81
N VAL B 129 -17.58 34.52 -14.99
CA VAL B 129 -18.34 35.67 -15.46
C VAL B 129 -17.63 36.43 -16.59
N ILE B 130 -16.33 36.63 -16.44
CA ILE B 130 -15.52 37.33 -17.42
C ILE B 130 -15.70 36.70 -18.78
N PHE B 131 -15.81 35.37 -18.81
CA PHE B 131 -15.98 34.66 -20.07
C PHE B 131 -17.43 34.60 -20.51
N LYS B 132 -18.33 34.27 -19.57
CA LYS B 132 -19.76 34.18 -19.88
C LYS B 132 -20.22 35.45 -20.59
N GLU B 133 -20.11 36.57 -19.86
CA GLU B 133 -20.49 37.90 -20.36
C GLU B 133 -19.75 38.21 -21.64
N GLY B 134 -18.59 37.60 -21.81
CA GLY B 134 -17.82 37.85 -23.01
C GLY B 134 -18.49 37.20 -24.20
N ASN B 135 -19.27 36.16 -23.93
CA ASN B 135 -19.97 35.47 -24.99
C ASN B 135 -21.21 36.25 -25.30
N LEU B 136 -21.95 36.57 -24.24
CA LEU B 136 -23.16 37.33 -24.36
C LEU B 136 -22.86 38.70 -24.91
N ASN B 137 -21.57 39.03 -25.02
CA ASN B 137 -21.16 40.34 -25.56
C ASN B 137 -20.48 40.22 -26.87
N GLY B 138 -20.51 39.00 -27.42
CA GLY B 138 -19.87 38.74 -28.70
C GLY B 138 -18.40 39.17 -28.79
N GLU B 139 -17.63 39.00 -27.71
CA GLU B 139 -16.22 39.35 -27.76
C GLU B 139 -15.50 38.09 -28.20
N TRP B 140 -16.05 36.97 -27.77
CA TRP B 140 -15.53 35.65 -28.12
C TRP B 140 -16.67 34.64 -28.05
N SER B 141 -16.35 33.39 -28.35
CA SER B 141 -17.34 32.33 -28.34
C SER B 141 -16.68 31.06 -27.86
N ILE B 142 -16.85 30.77 -26.58
CA ILE B 142 -16.24 29.58 -26.02
C ILE B 142 -17.29 28.58 -25.51
N ASN B 143 -17.14 27.32 -25.91
CA ASN B 143 -18.05 26.25 -25.51
C ASN B 143 -18.08 25.96 -24.04
N ASP B 144 -17.00 25.39 -23.54
CA ASP B 144 -16.98 25.10 -22.12
C ASP B 144 -16.35 26.30 -21.47
N VAL B 145 -17.24 27.13 -20.92
CA VAL B 145 -16.87 28.34 -20.22
C VAL B 145 -16.38 27.91 -18.86
N ASN B 146 -16.42 26.60 -18.63
CA ASN B 146 -15.97 26.07 -17.36
C ASN B 146 -14.57 25.48 -17.40
N ALA B 147 -14.16 24.99 -18.57
CA ALA B 147 -12.83 24.39 -18.71
C ALA B 147 -11.82 25.49 -18.97
N VAL B 148 -12.23 26.48 -19.77
CA VAL B 148 -11.35 27.59 -20.05
C VAL B 148 -11.25 28.35 -18.75
N SER B 149 -12.37 28.48 -18.05
CA SER B 149 -12.38 29.18 -16.78
C SER B 149 -11.50 28.53 -15.69
N LYS B 150 -11.39 27.22 -15.74
CA LYS B 150 -10.57 26.50 -14.78
C LYS B 150 -9.12 26.56 -15.26
N ILE B 151 -8.89 26.34 -16.56
CA ILE B 151 -7.52 26.37 -17.10
C ILE B 151 -6.87 27.70 -16.79
N ALA B 152 -7.57 28.78 -17.19
CA ALA B 152 -7.11 30.14 -16.96
C ALA B 152 -6.85 30.33 -15.49
N ALA B 153 -7.88 30.09 -14.70
CA ALA B 153 -7.75 30.22 -13.28
C ALA B 153 -6.41 29.64 -12.78
N ASN B 154 -6.03 28.46 -13.26
CA ASN B 154 -4.80 27.82 -12.79
C ASN B 154 -3.50 28.25 -13.42
N ALA B 155 -3.49 28.53 -14.72
CA ALA B 155 -2.24 28.96 -15.34
C ALA B 155 -1.84 30.29 -14.70
N VAL B 156 -2.76 31.24 -14.64
CA VAL B 156 -2.50 32.54 -14.03
C VAL B 156 -1.88 32.31 -12.64
N ASN B 157 -2.60 31.59 -11.81
CA ASN B 157 -2.17 31.26 -10.46
C ASN B 157 -0.75 30.70 -10.41
N GLY B 158 -0.40 29.83 -11.36
CA GLY B 158 0.93 29.27 -11.34
C GLY B 158 1.92 30.36 -11.71
N ILE B 159 1.50 31.26 -12.59
CA ILE B 159 2.34 32.36 -13.04
C ILE B 159 2.61 33.27 -11.85
N VAL B 160 1.58 33.49 -11.04
CA VAL B 160 1.70 34.36 -9.87
C VAL B 160 2.61 33.79 -8.79
N THR B 161 2.41 32.53 -8.43
CA THR B 161 3.19 32.00 -7.34
C THR B 161 4.53 31.37 -7.68
N PHE B 162 4.82 31.15 -8.95
CA PHE B 162 6.11 30.55 -9.33
C PHE B 162 7.02 31.62 -9.95
N THR B 163 6.60 32.87 -9.84
CA THR B 163 7.33 33.99 -10.38
C THR B 163 7.36 35.01 -9.26
N HIS B 164 7.29 34.49 -8.02
CA HIS B 164 7.30 35.29 -6.78
C HIS B 164 8.76 35.69 -6.47
N GLU B 165 9.56 35.80 -7.51
CA GLU B 165 10.97 36.10 -7.32
C GLU B 165 11.47 37.43 -7.87
N GLN B 166 11.06 37.78 -9.09
CA GLN B 166 11.56 38.99 -9.70
C GLN B 166 10.83 40.32 -9.58
N ASN B 167 11.41 41.28 -10.31
CA ASN B 167 10.97 42.66 -10.45
C ASN B 167 9.46 42.75 -10.69
N ILE B 168 8.71 43.20 -9.68
CA ILE B 168 7.27 43.28 -9.83
C ILE B 168 6.86 43.76 -11.21
N ASN B 169 7.71 44.53 -11.89
CA ASN B 169 7.37 45.00 -13.24
C ASN B 169 7.50 43.85 -14.21
N GLU B 170 8.61 43.14 -14.15
CA GLU B 170 8.81 41.98 -15.03
C GLU B 170 7.60 41.07 -14.88
N ARG B 171 7.24 40.82 -13.65
CA ARG B 171 6.10 39.97 -13.39
C ARG B 171 4.91 40.49 -14.17
N ILE B 172 4.50 41.72 -13.91
CA ILE B 172 3.34 42.26 -14.61
C ILE B 172 3.44 42.16 -16.12
N LYS B 173 4.65 42.29 -16.63
CA LYS B 173 4.88 42.25 -18.06
C LYS B 173 4.67 40.88 -18.70
N LEU B 174 4.98 39.81 -17.98
CA LEU B 174 4.79 38.48 -18.52
C LEU B 174 3.32 38.17 -18.39
N MET B 175 2.76 38.52 -17.24
CA MET B 175 1.37 38.25 -17.00
C MET B 175 0.57 38.82 -18.17
N ASN B 176 1.12 39.82 -18.83
CA ASN B 176 0.38 40.39 -19.92
C ASN B 176 0.65 39.70 -21.23
N LYS B 177 1.91 39.34 -21.48
CA LYS B 177 2.18 38.64 -22.71
C LYS B 177 1.32 37.40 -22.67
N PHE B 178 1.15 36.83 -21.47
CA PHE B 178 0.31 35.64 -21.32
C PHE B 178 -1.16 35.97 -21.53
N SER B 179 -1.67 36.92 -20.74
CA SER B 179 -3.07 37.35 -20.84
C SER B 179 -3.49 37.48 -22.30
N GLN B 180 -2.52 37.89 -23.13
CA GLN B 180 -2.73 38.11 -24.55
C GLN B 180 -2.62 36.81 -25.31
N ILE B 181 -1.46 36.17 -25.21
CA ILE B 181 -1.22 34.89 -25.88
C ILE B 181 -2.49 34.10 -25.72
N PHE B 182 -2.95 33.99 -24.48
CA PHE B 182 -4.16 33.24 -24.16
C PHE B 182 -5.42 33.65 -24.91
N LEU B 183 -5.76 34.93 -24.87
CA LEU B 183 -6.96 35.37 -25.54
C LEU B 183 -6.91 35.17 -27.04
N ASN B 184 -5.76 35.41 -27.63
CA ASN B 184 -5.65 35.21 -29.06
C ASN B 184 -5.53 33.74 -29.33
N GLY B 185 -6.08 32.93 -28.44
CA GLY B 185 -6.01 31.51 -28.63
C GLY B 185 -7.44 31.02 -28.74
N LEU B 186 -8.33 31.72 -28.06
CA LEU B 186 -9.74 31.38 -28.06
C LEU B 186 -10.33 32.00 -29.33
N SER B 187 -11.45 31.45 -29.77
CA SER B 187 -12.17 31.95 -30.96
C SER B 187 -11.34 32.10 -32.26
N ASN C 2 -1.81 7.55 -4.25
CA ASN C 2 -2.21 6.42 -5.13
C ASN C 2 -0.99 5.59 -5.53
N LEU C 3 0.15 6.26 -5.71
CA LEU C 3 1.38 5.56 -6.09
C LEU C 3 1.61 4.39 -5.13
N LYS C 4 1.13 4.54 -3.88
CA LYS C 4 1.26 3.48 -2.88
C LYS C 4 0.47 2.27 -3.38
N ASP C 5 -0.80 2.51 -3.73
CA ASP C 5 -1.74 1.49 -4.21
C ASP C 5 -1.33 0.81 -5.48
N LYS C 6 -0.74 1.57 -6.39
CA LYS C 6 -0.32 0.98 -7.65
C LYS C 6 0.77 -0.04 -7.34
N ILE C 7 1.60 0.24 -6.33
CA ILE C 7 2.67 -0.69 -5.91
C ILE C 7 2.04 -1.95 -5.33
N LEU C 8 1.03 -1.76 -4.48
CA LEU C 8 0.33 -2.88 -3.89
C LEU C 8 -0.29 -3.68 -5.04
N GLY C 9 -1.07 -3.02 -5.89
CA GLY C 9 -1.70 -3.71 -7.03
C GLY C 9 -0.77 -4.54 -7.91
N VAL C 10 0.23 -3.91 -8.49
CA VAL C 10 1.18 -4.59 -9.35
C VAL C 10 1.89 -5.74 -8.64
N ALA C 11 2.09 -5.58 -7.34
CA ALA C 11 2.76 -6.63 -6.58
C ALA C 11 1.87 -7.86 -6.47
N LYS C 12 0.64 -7.70 -5.97
CA LYS C 12 -0.29 -8.83 -5.81
C LYS C 12 -0.23 -9.67 -7.09
N GLU C 13 -0.39 -9.01 -8.23
CA GLU C 13 -0.34 -9.65 -9.55
C GLU C 13 0.96 -10.37 -9.79
N LEU C 14 2.05 -9.67 -9.56
CA LEU C 14 3.37 -10.23 -9.75
C LEU C 14 3.52 -11.51 -8.91
N PHE C 15 3.10 -11.43 -7.64
CA PHE C 15 3.16 -12.58 -6.73
C PHE C 15 2.27 -13.77 -7.17
N ILE C 16 1.13 -13.46 -7.76
CA ILE C 16 0.24 -14.48 -8.28
C ILE C 16 0.89 -15.15 -9.51
N LYS C 17 1.34 -14.36 -10.48
CA LYS C 17 1.96 -14.89 -11.69
C LYS C 17 3.37 -15.51 -11.51
N ASN C 18 4.22 -14.89 -10.67
CA ASN C 18 5.59 -15.42 -10.50
C ASN C 18 5.94 -16.09 -9.17
N GLY C 19 5.05 -16.03 -8.18
CA GLY C 19 5.33 -16.64 -6.90
C GLY C 19 5.97 -15.59 -6.01
N TYR C 20 6.42 -15.96 -4.82
CA TYR C 20 7.01 -14.98 -3.93
C TYR C 20 8.49 -14.73 -4.14
N ASN C 21 9.33 -15.68 -3.74
CA ASN C 21 10.78 -15.51 -3.87
C ASN C 21 11.14 -15.08 -5.26
N ALA C 22 10.30 -15.46 -6.20
CA ALA C 22 10.59 -15.15 -7.60
C ALA C 22 10.37 -13.71 -8.05
N THR C 23 9.43 -13.01 -7.41
CA THR C 23 9.15 -11.63 -7.78
C THR C 23 10.25 -10.75 -7.20
N THR C 24 10.71 -9.78 -7.98
CA THR C 24 11.76 -8.88 -7.50
C THR C 24 11.29 -7.43 -7.32
N THR C 25 11.93 -6.72 -6.40
CA THR C 25 11.56 -5.34 -6.11
C THR C 25 11.94 -4.41 -7.25
N GLY C 26 12.74 -4.93 -8.18
CA GLY C 26 13.12 -4.08 -9.30
C GLY C 26 11.95 -4.09 -10.23
N GLU C 27 11.35 -5.27 -10.28
CA GLU C 27 10.18 -5.49 -11.10
C GLU C 27 9.12 -4.58 -10.54
N ILE C 28 8.77 -4.81 -9.27
CA ILE C 28 7.74 -4.05 -8.58
C ILE C 28 7.88 -2.56 -8.84
N VAL C 29 9.08 -2.03 -8.67
CA VAL C 29 9.32 -0.63 -8.90
C VAL C 29 9.10 -0.18 -10.36
N LYS C 30 9.62 -0.91 -11.34
CA LYS C 30 9.44 -0.48 -12.73
C LYS C 30 8.03 -0.67 -13.29
N LEU C 31 7.34 -1.72 -12.87
CA LEU C 31 6.00 -1.96 -13.39
C LEU C 31 4.98 -1.08 -12.71
N SER C 32 5.35 -0.48 -11.60
CA SER C 32 4.41 0.37 -10.88
C SER C 32 4.76 1.81 -11.14
N GLU C 33 5.73 2.02 -12.02
CA GLU C 33 6.22 3.35 -12.35
C GLU C 33 6.37 4.16 -11.07
N SER C 34 7.18 3.57 -10.21
CA SER C 34 7.48 4.09 -8.90
C SER C 34 9.02 4.24 -8.82
N SER C 35 9.56 4.22 -7.60
CA SER C 35 10.99 4.36 -7.37
C SER C 35 11.38 3.54 -6.18
N LYS C 36 12.63 3.11 -6.18
CA LYS C 36 13.16 2.30 -5.09
C LYS C 36 13.02 3.07 -3.78
N GLY C 37 13.37 4.36 -3.81
CA GLY C 37 13.28 5.20 -2.64
C GLY C 37 11.88 5.16 -2.05
N ASN C 38 10.92 5.52 -2.88
CA ASN C 38 9.52 5.52 -2.49
C ASN C 38 9.10 4.18 -1.88
N LEU C 39 9.48 3.08 -2.53
CA LEU C 39 9.10 1.78 -2.01
C LEU C 39 9.67 1.55 -0.61
N TYR C 40 10.87 2.04 -0.35
CA TYR C 40 11.44 1.86 0.98
C TYR C 40 10.66 2.66 2.00
N TYR C 41 10.32 3.89 1.62
CA TYR C 41 9.58 4.80 2.48
C TYR C 41 8.31 4.15 2.99
N HIS C 42 7.56 3.55 2.07
CA HIS C 42 6.30 2.89 2.37
C HIS C 42 6.34 1.53 3.02
N PHE C 43 7.24 0.68 2.57
CA PHE C 43 7.28 -0.67 3.09
C PHE C 43 8.60 -1.15 3.69
N LYS C 44 9.69 -0.46 3.44
CA LYS C 44 10.98 -0.89 3.98
C LYS C 44 11.49 -2.25 3.41
N THR C 45 10.66 -3.29 3.37
CA THR C 45 11.13 -4.57 2.81
C THR C 45 10.07 -5.27 1.96
N LYS C 46 10.48 -6.29 1.22
CA LYS C 46 9.59 -7.07 0.37
C LYS C 46 8.69 -7.90 1.23
N GLU C 47 9.21 -8.30 2.39
CA GLU C 47 8.45 -9.10 3.34
C GLU C 47 7.31 -8.30 3.91
N ASN C 48 7.54 -7.02 4.15
CA ASN C 48 6.47 -6.21 4.69
C ASN C 48 5.54 -5.86 3.61
N LEU C 49 6.07 -5.73 2.40
CA LEU C 49 5.23 -5.41 1.27
C LEU C 49 4.23 -6.54 1.24
N PHE C 50 4.74 -7.77 1.16
CA PHE C 50 3.87 -8.94 1.11
C PHE C 50 2.89 -8.98 2.26
N LEU C 51 3.35 -8.75 3.48
CA LEU C 51 2.46 -8.74 4.64
C LEU C 51 1.29 -7.76 4.52
N GLU C 52 1.59 -6.54 4.06
CA GLU C 52 0.59 -5.51 3.85
C GLU C 52 -0.52 -6.06 2.93
N ILE C 53 -0.11 -6.71 1.84
CA ILE C 53 -1.04 -7.31 0.88
C ILE C 53 -1.97 -8.18 1.69
N LEU C 54 -1.38 -9.13 2.39
CA LEU C 54 -2.09 -10.09 3.22
C LEU C 54 -3.08 -9.48 4.20
N ASN C 55 -2.88 -8.23 4.56
CA ASN C 55 -3.81 -7.55 5.46
C ASN C 55 -4.99 -7.08 4.67
N ILE C 56 -4.68 -6.62 3.48
CA ILE C 56 -5.67 -6.10 2.59
C ILE C 56 -6.55 -7.19 2.03
N GLU C 57 -6.01 -8.37 1.85
CA GLU C 57 -6.79 -9.48 1.35
C GLU C 57 -7.75 -9.83 2.48
N GLU C 58 -7.13 -10.03 3.63
CA GLU C 58 -7.80 -10.37 4.86
C GLU C 58 -8.85 -9.33 5.19
N SER C 59 -8.69 -8.14 4.67
CA SER C 59 -9.66 -7.10 4.93
C SER C 59 -10.85 -7.38 4.01
N LYS C 60 -10.57 -7.78 2.77
CA LYS C 60 -11.60 -8.11 1.80
C LYS C 60 -12.37 -9.30 2.32
N TRP C 61 -11.67 -10.38 2.60
CA TRP C 61 -12.30 -11.59 3.13
C TRP C 61 -13.28 -11.27 4.24
N GLN C 62 -12.81 -10.53 5.23
CA GLN C 62 -13.63 -10.11 6.37
C GLN C 62 -14.92 -9.51 5.87
N GLU C 63 -14.78 -8.70 4.83
CA GLU C 63 -15.88 -8.00 4.21
C GLU C 63 -16.73 -8.97 3.40
N GLN C 64 -16.08 -9.78 2.58
CA GLN C 64 -16.77 -10.78 1.78
C GLN C 64 -17.77 -11.51 2.68
N TRP C 65 -17.26 -12.11 3.76
CA TRP C 65 -18.03 -12.86 4.74
C TRP C 65 -19.09 -12.05 5.43
N LYS C 66 -18.84 -10.78 5.62
CA LYS C 66 -19.81 -9.97 6.32
C LYS C 66 -21.10 -9.90 5.55
N LYS C 67 -21.09 -10.33 4.30
CA LYS C 67 -22.32 -10.27 3.54
C LYS C 67 -22.86 -11.67 3.28
N GLU C 68 -21.95 -12.59 3.06
CA GLU C 68 -22.36 -13.96 2.79
C GLU C 68 -23.10 -14.53 3.97
N GLN C 69 -22.94 -13.93 5.14
CA GLN C 69 -23.56 -14.49 6.32
C GLN C 69 -24.98 -14.13 6.60
N ILE C 70 -25.55 -13.39 5.67
CA ILE C 70 -26.93 -12.98 5.77
C ILE C 70 -27.82 -14.22 5.59
N LYS C 71 -27.28 -15.22 4.93
CA LYS C 71 -28.03 -16.44 4.70
C LYS C 71 -27.87 -17.45 5.84
N ALA C 72 -27.28 -17.03 6.95
CA ALA C 72 -27.10 -17.91 8.10
C ALA C 72 -27.80 -17.21 9.26
N LYS C 73 -28.98 -17.72 9.58
CA LYS C 73 -29.86 -17.19 10.62
C LYS C 73 -29.34 -17.41 12.03
N THR C 74 -28.90 -18.63 12.36
CA THR C 74 -28.41 -18.96 13.69
C THR C 74 -26.90 -19.03 13.64
N ASN C 75 -26.25 -19.00 14.79
CA ASN C 75 -24.79 -19.08 14.83
C ASN C 75 -24.30 -20.50 14.56
N ARG C 76 -25.11 -21.50 14.88
CA ARG C 76 -24.74 -22.88 14.61
C ARG C 76 -24.48 -22.83 13.12
N GLU C 77 -25.45 -22.25 12.41
CA GLU C 77 -25.40 -22.11 10.97
C GLU C 77 -24.14 -21.32 10.52
N LYS C 78 -23.96 -20.12 11.06
CA LYS C 78 -22.78 -19.33 10.70
C LYS C 78 -21.47 -20.14 10.87
N PHE C 79 -21.47 -21.11 11.79
CA PHE C 79 -20.27 -21.91 12.02
C PHE C 79 -20.07 -22.91 10.89
N TYR C 80 -21.13 -23.61 10.51
CA TYR C 80 -21.08 -24.60 9.42
C TYR C 80 -20.68 -23.94 8.08
N LEU C 81 -21.29 -22.78 7.82
CA LEU C 81 -21.09 -22.04 6.59
C LEU C 81 -19.73 -21.41 6.46
N TYR C 82 -19.18 -20.92 7.58
CA TYR C 82 -17.87 -20.27 7.60
C TYR C 82 -16.81 -21.33 7.35
N ASN C 83 -16.96 -22.47 8.01
CA ASN C 83 -16.03 -23.56 7.83
C ASN C 83 -15.97 -24.00 6.38
N GLU C 84 -17.13 -24.05 5.74
CA GLU C 84 -17.20 -24.48 4.36
C GLU C 84 -16.58 -23.45 3.43
N LEU C 85 -16.99 -22.18 3.56
CA LEU C 85 -16.45 -21.13 2.71
C LEU C 85 -14.95 -21.14 2.75
N SER C 86 -14.39 -21.40 3.91
CA SER C 86 -12.94 -21.45 4.04
C SER C 86 -12.38 -22.57 3.18
N LEU C 87 -13.09 -23.69 3.12
CA LEU C 87 -12.61 -24.82 2.35
C LEU C 87 -12.80 -24.62 0.85
N THR C 88 -14.02 -24.25 0.47
CA THR C 88 -14.33 -24.03 -0.94
C THR C 88 -13.47 -22.88 -1.48
N THR C 89 -13.67 -21.65 -1.01
CA THR C 89 -12.90 -20.51 -1.51
C THR C 89 -11.38 -20.56 -1.44
N GLU C 90 -10.78 -21.69 -1.12
CA GLU C 90 -9.34 -21.69 -1.10
C GLU C 90 -8.85 -22.32 -2.40
N TYR C 91 -9.63 -23.27 -2.91
CA TYR C 91 -9.33 -23.95 -4.17
C TYR C 91 -8.96 -22.95 -5.25
N TYR C 92 -9.89 -22.04 -5.50
CA TYR C 92 -9.73 -21.02 -6.52
C TYR C 92 -9.31 -19.63 -5.98
N TYR C 93 -8.30 -19.63 -5.12
CA TYR C 93 -7.79 -18.39 -4.56
C TYR C 93 -6.31 -18.47 -4.84
N PRO C 94 -5.86 -17.76 -5.88
CA PRO C 94 -4.49 -17.67 -6.38
C PRO C 94 -3.38 -17.40 -5.38
N LEU C 95 -3.43 -16.24 -4.71
CA LEU C 95 -2.38 -15.91 -3.75
C LEU C 95 -1.95 -17.13 -2.95
N GLN C 96 -2.90 -17.94 -2.53
CA GLN C 96 -2.60 -19.13 -1.75
C GLN C 96 -1.22 -19.78 -1.95
N ASN C 97 -0.71 -19.80 -3.19
CA ASN C 97 0.59 -20.41 -3.47
C ASN C 97 1.78 -19.54 -3.02
N ALA C 98 1.63 -18.24 -3.23
CA ALA C 98 2.67 -17.31 -2.84
C ALA C 98 2.75 -17.27 -1.34
N ILE C 99 1.62 -17.50 -0.66
CA ILE C 99 1.59 -17.51 0.79
C ILE C 99 2.30 -18.73 1.36
N ILE C 100 1.93 -19.91 0.86
CA ILE C 100 2.53 -21.16 1.29
C ILE C 100 4.02 -21.01 1.15
N GLU C 101 4.40 -20.40 0.03
CA GLU C 101 5.79 -20.17 -0.30
C GLU C 101 6.44 -19.17 0.65
N PHE C 102 5.66 -18.22 1.16
CA PHE C 102 6.19 -17.20 2.07
C PHE C 102 6.22 -17.74 3.47
N TYR C 103 5.10 -18.29 3.92
CA TYR C 103 5.01 -18.86 5.26
C TYR C 103 6.08 -19.93 5.55
N THR C 104 6.36 -20.81 4.59
CA THR C 104 7.37 -21.85 4.81
C THR C 104 8.74 -21.32 4.53
N GLU C 105 8.99 -20.10 4.99
CA GLU C 105 10.29 -19.51 4.80
C GLU C 105 10.49 -18.50 5.89
N TYR C 106 9.61 -17.52 5.91
CA TYR C 106 9.68 -16.52 6.94
C TYR C 106 8.86 -17.05 8.09
N TYR C 107 9.01 -18.34 8.32
CA TYR C 107 8.31 -19.02 9.38
C TYR C 107 9.20 -19.06 10.61
N LYS C 108 10.48 -19.34 10.36
CA LYS C 108 11.49 -19.46 11.42
C LYS C 108 11.96 -18.11 11.95
N THR C 109 11.36 -17.03 11.48
CA THR C 109 11.74 -15.68 11.93
C THR C 109 10.73 -15.08 12.88
N ASN C 110 10.93 -15.29 14.18
CA ASN C 110 10.03 -14.74 15.19
C ASN C 110 9.70 -13.28 14.80
N SER C 111 10.63 -12.66 14.09
CA SER C 111 10.52 -11.29 13.63
C SER C 111 9.26 -11.06 12.78
N ILE C 112 9.14 -11.85 11.72
CA ILE C 112 8.00 -11.82 10.78
C ILE C 112 6.82 -12.57 11.39
N ASN C 113 7.14 -13.74 11.97
CA ASN C 113 6.18 -14.62 12.63
C ASN C 113 5.31 -13.87 13.62
N GLU C 114 5.77 -12.70 14.07
CA GLU C 114 4.99 -11.88 14.99
C GLU C 114 3.90 -11.12 14.24
N LYS C 115 4.31 -10.42 13.18
CA LYS C 115 3.36 -9.68 12.36
C LYS C 115 2.40 -10.71 11.78
N MET C 116 2.93 -11.88 11.46
CA MET C 116 2.13 -12.97 10.89
C MET C 116 0.99 -13.37 11.80
N ASN C 117 1.25 -13.46 13.10
CA ASN C 117 0.20 -13.82 14.04
C ASN C 117 -0.81 -12.69 14.19
N LYS C 118 -0.35 -11.46 14.41
CA LYS C 118 -1.27 -10.34 14.57
C LYS C 118 -2.34 -10.43 13.50
N LEU C 119 -1.99 -11.07 12.40
CA LEU C 119 -2.90 -11.24 11.27
C LEU C 119 -3.74 -12.49 11.41
N GLU C 120 -3.10 -13.57 11.84
CA GLU C 120 -3.75 -14.86 12.05
C GLU C 120 -4.89 -14.70 13.05
N ASN C 121 -4.84 -13.63 13.83
CA ASN C 121 -5.87 -13.40 14.82
C ASN C 121 -7.07 -12.83 14.17
N LYS C 122 -6.89 -11.99 13.17
CA LYS C 122 -8.05 -11.45 12.49
C LYS C 122 -8.90 -12.60 11.91
N TYR C 123 -8.24 -13.64 11.39
CA TYR C 123 -8.97 -14.78 10.82
C TYR C 123 -9.57 -15.61 11.99
N ILE C 124 -8.99 -15.50 13.18
CA ILE C 124 -9.48 -16.22 14.37
C ILE C 124 -10.67 -15.57 15.06
N ASP C 125 -10.77 -14.25 14.97
CA ASP C 125 -11.86 -13.54 15.61
C ASP C 125 -13.18 -13.90 15.02
N ALA C 126 -13.16 -14.25 13.75
CA ALA C 126 -14.37 -14.67 13.05
C ALA C 126 -15.17 -15.63 13.94
N TYR C 127 -14.47 -16.63 14.45
CA TYR C 127 -15.05 -17.65 15.31
C TYR C 127 -15.35 -17.00 16.61
N HIS C 128 -14.38 -16.28 17.13
CA HIS C 128 -14.57 -15.63 18.38
C HIS C 128 -15.99 -15.08 18.46
N VAL C 129 -16.45 -14.40 17.41
CA VAL C 129 -17.80 -13.83 17.37
C VAL C 129 -18.96 -14.85 17.28
N ILE C 130 -18.83 -15.82 16.37
CA ILE C 130 -19.86 -16.83 16.21
C ILE C 130 -20.15 -17.45 17.59
N PHE C 131 -19.09 -17.76 18.33
CA PHE C 131 -19.23 -18.37 19.64
C PHE C 131 -19.80 -17.46 20.71
N LYS C 132 -19.42 -16.19 20.66
CA LYS C 132 -19.92 -15.22 21.63
C LYS C 132 -21.44 -15.12 21.48
N GLU C 133 -21.89 -14.69 20.30
CA GLU C 133 -23.31 -14.54 19.94
C GLU C 133 -24.11 -15.79 20.25
N GLY C 134 -23.59 -16.92 19.79
CA GLY C 134 -24.23 -18.19 20.02
C GLY C 134 -24.44 -18.35 21.51
N ASN C 135 -23.58 -17.70 22.29
CA ASN C 135 -23.68 -17.75 23.73
C ASN C 135 -24.88 -16.92 24.20
N LEU C 136 -24.91 -15.65 23.82
CA LEU C 136 -26.00 -14.77 24.21
C LEU C 136 -27.33 -15.36 23.76
N ASN C 137 -27.38 -15.97 22.58
CA ASN C 137 -28.64 -16.57 22.13
C ASN C 137 -28.67 -18.02 22.55
N GLY C 138 -27.97 -18.29 23.65
CA GLY C 138 -27.90 -19.61 24.24
C GLY C 138 -28.06 -20.76 23.28
N GLU C 139 -27.26 -20.79 22.21
CA GLU C 139 -27.32 -21.88 21.25
C GLU C 139 -26.41 -22.95 21.85
N TRP C 140 -25.52 -22.47 22.70
CA TRP C 140 -24.58 -23.31 23.42
C TRP C 140 -24.10 -22.45 24.59
N SER C 141 -23.33 -23.04 25.49
CA SER C 141 -22.81 -22.28 26.62
C SER C 141 -21.31 -22.49 26.84
N ILE C 142 -20.54 -22.00 25.89
CA ILE C 142 -19.09 -22.09 25.90
C ILE C 142 -18.61 -21.00 26.83
N ASN C 143 -17.42 -21.14 27.42
CA ASN C 143 -16.95 -20.08 28.30
C ASN C 143 -15.43 -19.94 28.42
N ASP C 144 -14.80 -19.68 27.27
CA ASP C 144 -13.37 -19.47 27.09
C ASP C 144 -13.27 -19.41 25.59
N VAL C 145 -14.22 -18.66 25.06
CA VAL C 145 -14.41 -18.39 23.65
C VAL C 145 -13.11 -18.18 22.89
N ASN C 146 -12.08 -17.72 23.57
CA ASN C 146 -10.79 -17.48 22.95
C ASN C 146 -10.04 -18.79 22.72
N ALA C 147 -10.18 -19.71 23.67
CA ALA C 147 -9.50 -20.99 23.54
C ALA C 147 -10.22 -21.82 22.51
N VAL C 148 -11.52 -21.94 22.67
CA VAL C 148 -12.34 -22.70 21.74
C VAL C 148 -12.16 -22.12 20.35
N SER C 149 -12.03 -20.80 20.27
CA SER C 149 -11.85 -20.15 18.99
C SER C 149 -10.54 -20.46 18.34
N LYS C 150 -9.46 -20.54 19.11
CA LYS C 150 -8.17 -20.85 18.49
C LYS C 150 -8.18 -22.30 18.04
N ILE C 151 -8.81 -23.15 18.85
CA ILE C 151 -8.95 -24.57 18.53
C ILE C 151 -9.68 -24.71 17.20
N ALA C 152 -10.87 -24.12 17.10
CA ALA C 152 -11.61 -24.21 15.87
C ALA C 152 -10.80 -23.68 14.67
N ALA C 153 -10.23 -22.50 14.79
CA ALA C 153 -9.48 -21.96 13.68
C ALA C 153 -8.35 -22.86 13.19
N ASN C 154 -7.61 -23.47 14.09
CA ASN C 154 -6.52 -24.32 13.66
C ASN C 154 -6.98 -25.71 13.24
N ALA C 155 -8.11 -26.18 13.75
CA ALA C 155 -8.59 -27.50 13.34
C ALA C 155 -9.01 -27.34 11.90
N VAL C 156 -10.03 -26.53 11.69
CA VAL C 156 -10.53 -26.23 10.36
C VAL C 156 -9.38 -26.02 9.39
N ASN C 157 -8.43 -25.22 9.80
CA ASN C 157 -7.29 -24.91 8.97
C ASN C 157 -6.46 -26.06 8.45
N GLY C 158 -6.30 -27.10 9.26
CA GLY C 158 -5.55 -28.26 8.83
C GLY C 158 -6.42 -29.17 7.98
N ILE C 159 -7.73 -29.11 8.16
CA ILE C 159 -8.62 -29.92 7.35
C ILE C 159 -8.47 -29.32 5.97
N VAL C 160 -8.47 -27.99 5.92
CA VAL C 160 -8.36 -27.35 4.63
C VAL C 160 -7.04 -27.64 3.98
N THR C 161 -5.96 -27.55 4.75
CA THR C 161 -4.63 -27.74 4.22
C THR C 161 -4.18 -29.14 3.89
N PHE C 162 -4.40 -30.07 4.81
CA PHE C 162 -3.95 -31.44 4.63
C PHE C 162 -4.92 -32.44 4.02
N THR C 163 -5.86 -31.98 3.24
CA THR C 163 -6.78 -32.93 2.65
C THR C 163 -6.76 -32.78 1.12
N HIS C 164 -5.90 -31.88 0.62
CA HIS C 164 -5.79 -31.59 -0.82
C HIS C 164 -5.85 -32.77 -1.80
N GLU C 165 -5.54 -33.96 -1.29
CA GLU C 165 -5.56 -35.16 -2.11
C GLU C 165 -6.96 -35.71 -2.42
N GLN C 166 -7.96 -35.40 -1.59
CA GLN C 166 -9.33 -35.87 -1.83
C GLN C 166 -10.04 -34.99 -2.87
N ASN C 167 -11.05 -35.55 -3.56
CA ASN C 167 -11.82 -34.79 -4.55
C ASN C 167 -12.80 -33.88 -3.80
N ILE C 168 -12.91 -32.65 -4.26
CA ILE C 168 -13.74 -31.67 -3.59
C ILE C 168 -15.08 -32.07 -3.04
N ASN C 169 -15.79 -32.98 -3.68
CA ASN C 169 -17.09 -33.32 -3.14
C ASN C 169 -16.88 -34.08 -1.83
N GLU C 170 -15.69 -34.62 -1.66
CA GLU C 170 -15.38 -35.37 -0.46
C GLU C 170 -14.90 -34.46 0.63
N ARG C 171 -13.99 -33.55 0.30
CA ARG C 171 -13.47 -32.64 1.30
C ARG C 171 -14.65 -31.88 1.91
N ILE C 172 -15.51 -31.34 1.07
CA ILE C 172 -16.67 -30.62 1.60
C ILE C 172 -17.58 -31.51 2.47
N LYS C 173 -17.43 -32.82 2.34
CA LYS C 173 -18.25 -33.73 3.12
C LYS C 173 -17.61 -33.94 4.48
N LEU C 174 -16.29 -34.05 4.50
CA LEU C 174 -15.60 -34.26 5.75
C LEU C 174 -15.76 -33.04 6.58
N MET C 175 -15.53 -31.89 5.95
CA MET C 175 -15.63 -30.63 6.65
C MET C 175 -16.95 -30.40 7.34
N ASN C 176 -18.07 -30.73 6.69
CA ASN C 176 -19.35 -30.51 7.33
C ASN C 176 -19.50 -31.44 8.51
N LYS C 177 -18.93 -32.64 8.39
CA LYS C 177 -19.04 -33.60 9.47
C LYS C 177 -18.35 -33.03 10.70
N PHE C 178 -17.12 -32.58 10.51
CA PHE C 178 -16.32 -32.01 11.58
C PHE C 178 -17.08 -30.92 12.27
N SER C 179 -17.72 -30.05 11.50
CA SER C 179 -18.48 -28.95 12.11
C SER C 179 -19.52 -29.50 13.07
N GLN C 180 -20.06 -30.65 12.72
CA GLN C 180 -21.08 -31.29 13.50
C GLN C 180 -20.55 -31.91 14.78
N ILE C 181 -19.45 -32.66 14.65
CA ILE C 181 -18.77 -33.37 15.75
C ILE C 181 -18.27 -32.37 16.77
N PHE C 182 -17.71 -31.27 16.26
CA PHE C 182 -17.15 -30.22 17.09
C PHE C 182 -18.24 -29.47 17.81
N LEU C 183 -19.20 -29.00 17.03
CA LEU C 183 -20.32 -28.25 17.56
C LEU C 183 -21.03 -29.13 18.54
N ASN C 184 -21.14 -30.38 18.17
CA ASN C 184 -21.81 -31.36 18.99
C ASN C 184 -21.15 -31.46 20.36
N GLY C 185 -19.84 -31.68 20.37
CA GLY C 185 -19.10 -31.79 21.62
C GLY C 185 -19.03 -30.57 22.51
N LEU C 186 -19.71 -29.49 22.13
CA LEU C 186 -19.69 -28.28 22.93
C LEU C 186 -20.86 -28.18 23.87
N SER C 187 -21.86 -29.02 23.68
CA SER C 187 -23.03 -29.02 24.56
C SER C 187 -22.97 -30.16 25.60
N ASN D 2 23.88 1.64 1.15
CA ASN D 2 22.99 2.65 0.49
C ASN D 2 22.26 3.51 1.53
N LEU D 3 22.85 3.67 2.72
CA LEU D 3 22.23 4.51 3.74
C LEU D 3 22.02 5.90 3.19
N LYS D 4 22.86 6.30 2.24
CA LYS D 4 22.73 7.60 1.62
C LYS D 4 21.42 7.53 0.93
N ASP D 5 21.29 6.56 0.05
CA ASP D 5 20.06 6.35 -0.70
C ASP D 5 18.84 6.28 0.18
N LYS D 6 18.93 5.66 1.35
CA LYS D 6 17.77 5.60 2.23
C LYS D 6 17.39 7.01 2.66
N ILE D 7 18.37 7.78 3.12
CA ILE D 7 18.17 9.16 3.55
C ILE D 7 17.52 9.99 2.43
N LEU D 8 18.11 9.91 1.23
CA LEU D 8 17.60 10.65 0.08
C LEU D 8 16.16 10.28 -0.22
N GLY D 9 15.94 9.00 -0.47
CA GLY D 9 14.61 8.55 -0.78
C GLY D 9 13.53 8.96 0.20
N VAL D 10 13.83 8.89 1.49
CA VAL D 10 12.89 9.26 2.56
C VAL D 10 12.68 10.76 2.62
N ALA D 11 13.79 11.49 2.65
CA ALA D 11 13.73 12.94 2.65
C ALA D 11 12.81 13.40 1.48
N LYS D 12 13.07 12.90 0.26
CA LYS D 12 12.26 13.23 -0.93
C LYS D 12 10.75 13.08 -0.66
N GLU D 13 10.33 11.92 -0.20
CA GLU D 13 8.92 11.72 0.07
C GLU D 13 8.44 12.72 1.10
N LEU D 14 9.11 12.82 2.26
CA LEU D 14 8.70 13.77 3.32
C LEU D 14 8.58 15.19 2.76
N PHE D 15 9.48 15.54 1.84
CA PHE D 15 9.47 16.85 1.21
C PHE D 15 8.24 17.03 0.33
N ILE D 16 7.82 15.98 -0.33
CA ILE D 16 6.66 16.10 -1.18
C ILE D 16 5.46 16.15 -0.30
N LYS D 17 5.49 15.38 0.76
CA LYS D 17 4.36 15.34 1.66
C LYS D 17 4.20 16.51 2.58
N ASN D 18 5.30 17.05 3.09
CA ASN D 18 5.20 18.14 4.04
C ASN D 18 5.73 19.49 3.64
N GLY D 19 6.10 19.69 2.39
CA GLY D 19 6.63 21.00 2.02
C GLY D 19 8.06 21.08 2.53
N TYR D 20 8.66 22.28 2.58
CA TYR D 20 10.03 22.36 3.04
C TYR D 20 10.23 22.57 4.54
N ASN D 21 9.76 23.70 5.05
CA ASN D 21 9.96 23.96 6.47
C ASN D 21 9.50 22.83 7.36
N ALA D 22 8.34 22.28 7.07
CA ALA D 22 7.87 21.24 7.96
C ALA D 22 8.64 19.95 8.01
N THR D 23 9.45 19.67 7.01
CA THR D 23 10.21 18.44 7.04
C THR D 23 11.41 18.62 7.91
N THR D 24 11.41 17.98 9.06
CA THR D 24 12.53 18.12 9.93
C THR D 24 13.65 17.17 9.61
N THR D 25 14.85 17.55 9.99
CA THR D 25 16.03 16.74 9.74
C THR D 25 15.98 15.49 10.56
N GLY D 26 15.38 15.59 11.73
CA GLY D 26 15.26 14.45 12.60
C GLY D 26 14.30 13.41 12.05
N GLU D 27 13.15 13.85 11.55
CA GLU D 27 12.15 12.95 10.98
C GLU D 27 12.88 12.11 9.93
N ILE D 28 13.52 12.79 9.01
CA ILE D 28 14.27 12.13 7.98
C ILE D 28 15.06 10.99 8.64
N VAL D 29 15.95 11.31 9.55
CA VAL D 29 16.79 10.28 10.19
C VAL D 29 16.03 9.21 10.93
N LYS D 30 14.84 9.55 11.38
CA LYS D 30 14.07 8.59 12.13
C LYS D 30 13.49 7.51 11.22
N LEU D 31 13.12 7.88 10.00
CA LEU D 31 12.54 6.95 9.02
C LEU D 31 13.55 6.13 8.24
N SER D 32 14.74 6.68 8.06
CA SER D 32 15.76 5.97 7.33
C SER D 32 16.51 5.11 8.33
N GLU D 33 16.04 5.17 9.57
CA GLU D 33 16.67 4.40 10.65
C GLU D 33 18.17 4.67 10.64
N SER D 34 18.50 5.96 10.61
CA SER D 34 19.87 6.40 10.57
C SER D 34 20.12 7.16 11.87
N SER D 35 20.92 8.22 11.77
CA SER D 35 21.27 9.04 12.92
C SER D 35 21.37 10.46 12.46
N LYS D 36 21.36 11.39 13.39
CA LYS D 36 21.49 12.75 12.97
C LYS D 36 22.94 12.85 12.53
N GLY D 37 23.82 12.25 13.32
CA GLY D 37 25.22 12.29 12.99
C GLY D 37 25.51 11.89 11.56
N ASN D 38 25.10 10.68 11.20
CA ASN D 38 25.33 10.18 9.85
C ASN D 38 24.83 11.15 8.80
N LEU D 39 23.57 11.56 8.95
CA LEU D 39 22.96 12.47 8.01
C LEU D 39 23.75 13.74 7.74
N TYR D 40 24.13 14.46 8.79
CA TYR D 40 24.89 15.72 8.68
C TYR D 40 26.27 15.50 8.17
N TYR D 41 26.80 14.34 8.48
CA TYR D 41 28.12 14.01 8.04
C TYR D 41 28.10 13.84 6.54
N HIS D 42 27.06 13.19 6.04
CA HIS D 42 26.95 12.96 4.61
C HIS D 42 26.56 14.19 3.82
N PHE D 43 25.47 14.84 4.20
CA PHE D 43 25.05 16.01 3.46
C PHE D 43 25.14 17.32 4.26
N LYS D 44 26.33 17.75 4.65
CA LYS D 44 26.49 19.04 5.36
C LYS D 44 25.22 19.70 5.99
N THR D 45 24.34 20.25 5.14
CA THR D 45 23.09 20.93 5.58
C THR D 45 21.80 20.47 4.89
N LYS D 46 20.66 20.82 5.48
CA LYS D 46 19.38 20.45 4.89
C LYS D 46 19.23 21.09 3.53
N GLU D 47 19.60 22.36 3.41
CA GLU D 47 19.50 23.01 2.13
C GLU D 47 20.26 22.12 1.21
N ASN D 48 21.53 21.97 1.52
CA ASN D 48 22.38 21.13 0.74
C ASN D 48 21.78 19.73 0.47
N LEU D 49 21.12 19.12 1.45
CA LEU D 49 20.52 17.82 1.19
C LEU D 49 19.40 18.01 0.19
N PHE D 50 18.48 18.91 0.49
CA PHE D 50 17.36 19.18 -0.38
C PHE D 50 17.84 19.53 -1.76
N LEU D 51 18.69 20.53 -1.86
CA LEU D 51 19.20 20.96 -3.15
C LEU D 51 19.63 19.80 -4.05
N GLU D 52 20.27 18.80 -3.47
CA GLU D 52 20.77 17.63 -4.20
C GLU D 52 19.65 16.73 -4.67
N ILE D 53 18.65 16.55 -3.83
CA ILE D 53 17.49 15.75 -4.17
C ILE D 53 16.84 16.45 -5.33
N LEU D 54 16.91 17.76 -5.31
CA LEU D 54 16.33 18.62 -6.34
C LEU D 54 17.09 18.44 -7.64
N ASN D 55 18.38 18.25 -7.48
CA ASN D 55 19.29 18.08 -8.59
C ASN D 55 19.14 16.75 -9.27
N ILE D 56 18.71 15.74 -8.51
CA ILE D 56 18.53 14.41 -9.09
C ILE D 56 17.22 14.41 -9.85
N GLU D 57 16.14 14.77 -9.17
CA GLU D 57 14.83 14.80 -9.80
C GLU D 57 15.00 15.47 -11.13
N GLU D 58 15.67 16.61 -11.11
CA GLU D 58 15.94 17.37 -12.31
C GLU D 58 16.41 16.46 -13.41
N SER D 59 17.62 15.97 -13.22
CA SER D 59 18.24 15.08 -14.16
C SER D 59 17.25 14.02 -14.59
N LYS D 60 16.85 13.17 -13.66
CA LYS D 60 15.90 12.12 -13.97
C LYS D 60 14.73 12.56 -14.84
N TRP D 61 14.21 13.77 -14.66
CA TRP D 61 13.12 14.21 -15.49
C TRP D 61 13.56 14.54 -16.91
N GLN D 62 14.72 15.16 -17.09
CA GLN D 62 15.16 15.43 -18.45
C GLN D 62 15.41 14.08 -19.08
N GLU D 63 16.00 13.18 -18.30
CA GLU D 63 16.27 11.84 -18.77
C GLU D 63 15.05 11.28 -19.51
N GLN D 64 13.94 11.27 -18.80
CA GLN D 64 12.65 10.77 -19.28
C GLN D 64 12.09 11.47 -20.51
N TRP D 65 12.45 12.72 -20.69
CA TRP D 65 11.97 13.50 -21.82
C TRP D 65 12.81 13.21 -23.05
N LYS D 66 14.06 12.83 -22.83
CA LYS D 66 14.99 12.54 -23.91
C LYS D 66 14.45 11.29 -24.56
N LYS D 67 14.16 10.28 -23.74
CA LYS D 67 13.62 9.06 -24.30
C LYS D 67 12.24 9.29 -24.92
N GLU D 68 11.43 10.08 -24.26
CA GLU D 68 10.08 10.27 -24.73
C GLU D 68 9.75 11.08 -25.98
N GLN D 69 10.51 12.14 -26.27
CA GLN D 69 10.21 13.03 -27.40
C GLN D 69 10.22 12.40 -28.74
N ILE D 70 11.04 11.37 -28.87
CA ILE D 70 11.14 10.61 -30.10
C ILE D 70 9.74 10.23 -30.62
N LYS D 71 8.81 10.00 -29.71
CA LYS D 71 7.46 9.60 -30.08
C LYS D 71 6.67 10.75 -30.73
N ALA D 72 7.14 11.98 -30.60
CA ALA D 72 6.42 13.12 -31.17
C ALA D 72 7.10 13.63 -32.44
N LYS D 73 6.34 13.69 -33.53
CA LYS D 73 6.84 14.13 -34.84
C LYS D 73 7.38 15.55 -34.83
N THR D 74 6.45 16.50 -34.79
CA THR D 74 6.78 17.90 -34.82
C THR D 74 6.93 18.55 -33.46
N ASN D 75 6.99 19.87 -33.46
CA ASN D 75 7.13 20.58 -32.23
C ASN D 75 5.77 20.96 -31.70
N ARG D 76 4.77 21.06 -32.58
CA ARG D 76 3.40 21.37 -32.13
C ARG D 76 3.12 20.19 -31.18
N GLU D 77 3.62 19.00 -31.54
CA GLU D 77 3.38 17.80 -30.75
C GLU D 77 4.33 17.67 -29.58
N LYS D 78 5.62 17.89 -29.82
CA LYS D 78 6.57 17.81 -28.73
C LYS D 78 6.05 18.64 -27.57
N PHE D 79 5.41 19.76 -27.90
CA PHE D 79 4.87 20.65 -26.90
C PHE D 79 3.70 19.97 -26.21
N TYR D 80 2.68 19.60 -26.96
CA TYR D 80 1.53 18.92 -26.39
C TYR D 80 1.99 17.78 -25.48
N LEU D 81 2.90 16.94 -25.99
CA LEU D 81 3.45 15.80 -25.26
C LEU D 81 4.04 16.18 -23.91
N TYR D 82 5.07 17.03 -23.94
CA TYR D 82 5.76 17.50 -22.72
C TYR D 82 4.82 18.05 -21.64
N ASN D 83 3.82 18.83 -22.02
CA ASN D 83 2.88 19.37 -21.03
C ASN D 83 2.07 18.28 -20.38
N GLU D 84 1.97 17.15 -21.05
CA GLU D 84 1.19 16.04 -20.55
C GLU D 84 2.02 15.14 -19.67
N LEU D 85 3.26 14.98 -20.06
CA LEU D 85 4.14 14.18 -19.27
C LEU D 85 4.30 14.85 -17.90
N SER D 86 4.23 16.16 -17.83
CA SER D 86 4.37 16.83 -16.54
C SER D 86 3.30 16.41 -15.59
N LEU D 87 2.13 16.12 -16.13
CA LEU D 87 1.01 15.68 -15.34
C LEU D 87 1.20 14.29 -14.73
N THR D 88 1.72 13.36 -15.54
CA THR D 88 1.93 11.94 -15.15
C THR D 88 3.22 11.49 -14.52
N THR D 89 4.34 12.15 -14.81
CA THR D 89 5.61 11.75 -14.23
C THR D 89 5.68 12.01 -12.75
N GLU D 90 6.50 11.20 -12.10
CA GLU D 90 6.71 11.25 -10.66
C GLU D 90 7.96 12.04 -10.34
N TYR D 91 8.63 12.45 -11.40
CA TYR D 91 9.85 13.19 -11.26
C TYR D 91 9.69 14.68 -11.27
N TYR D 92 10.38 15.34 -10.34
CA TYR D 92 10.39 16.80 -10.23
C TYR D 92 9.14 17.60 -9.89
N TYR D 93 8.10 17.57 -10.72
CA TYR D 93 6.88 18.36 -10.47
C TYR D 93 6.13 18.19 -9.13
N PRO D 94 6.41 17.13 -8.39
CA PRO D 94 5.66 17.06 -7.15
C PRO D 94 6.39 17.84 -6.06
N LEU D 95 7.72 17.86 -6.12
CA LEU D 95 8.52 18.63 -5.17
C LEU D 95 8.33 20.13 -5.42
N GLN D 96 7.50 20.48 -6.40
CA GLN D 96 7.28 21.88 -6.74
C GLN D 96 6.90 22.73 -5.56
N ASN D 97 6.07 22.17 -4.70
CA ASN D 97 5.63 22.92 -3.53
C ASN D 97 6.76 23.32 -2.61
N ALA D 98 7.55 22.35 -2.18
CA ALA D 98 8.66 22.65 -1.31
C ALA D 98 9.64 23.49 -2.09
N ILE D 99 9.67 23.38 -3.42
CA ILE D 99 10.62 24.20 -4.14
C ILE D 99 10.41 25.68 -3.92
N ILE D 100 9.20 26.19 -3.92
CA ILE D 100 9.10 27.63 -3.70
C ILE D 100 9.38 27.96 -2.28
N GLU D 101 8.79 27.22 -1.36
CA GLU D 101 9.07 27.49 0.04
C GLU D 101 10.59 27.68 0.22
N PHE D 102 11.38 26.71 -0.22
CA PHE D 102 12.83 26.77 -0.09
C PHE D 102 13.45 27.90 -0.86
N TYR D 103 12.79 28.37 -1.91
CA TYR D 103 13.35 29.45 -2.70
C TYR D 103 13.06 30.77 -2.07
N THR D 104 11.78 31.06 -1.86
CA THR D 104 11.43 32.32 -1.26
C THR D 104 12.16 32.46 0.07
N GLU D 105 12.58 31.35 0.67
CA GLU D 105 13.28 31.48 1.93
C GLU D 105 14.76 31.79 1.72
N TYR D 106 15.54 30.79 1.33
CA TYR D 106 16.97 31.02 1.10
C TYR D 106 17.16 31.68 -0.24
N TYR D 107 16.31 32.64 -0.56
CA TYR D 107 16.41 33.35 -1.83
C TYR D 107 17.68 34.19 -1.92
N LYS D 108 18.04 34.85 -0.82
CA LYS D 108 19.25 35.68 -0.77
C LYS D 108 20.33 35.10 0.13
N THR D 109 21.14 34.20 -0.43
CA THR D 109 22.23 33.57 0.30
C THR D 109 23.32 33.09 -0.65
N ASN D 110 23.55 33.89 -1.68
CA ASN D 110 24.59 33.60 -2.66
C ASN D 110 24.29 32.36 -3.44
N SER D 111 25.18 31.40 -3.28
CA SER D 111 25.10 30.10 -3.94
C SER D 111 23.69 29.48 -4.05
N ILE D 112 22.98 29.37 -2.93
CA ILE D 112 21.65 28.77 -2.96
C ILE D 112 20.81 29.46 -4.04
N ASN D 113 21.24 30.63 -4.46
CA ASN D 113 20.52 31.41 -5.47
C ASN D 113 21.14 31.21 -6.85
N GLU D 114 22.38 30.73 -6.91
CA GLU D 114 23.06 30.51 -8.18
C GLU D 114 22.84 29.10 -8.65
N LYS D 115 22.96 28.17 -7.72
CA LYS D 115 22.76 26.78 -8.03
C LYS D 115 21.27 26.65 -8.29
N MET D 116 20.48 27.50 -7.64
CA MET D 116 19.04 27.46 -7.80
C MET D 116 18.63 27.91 -9.18
N ASN D 117 19.25 28.97 -9.66
CA ASN D 117 18.92 29.48 -10.98
C ASN D 117 19.42 28.55 -12.05
N LYS D 118 20.57 27.92 -11.85
CA LYS D 118 21.06 26.99 -12.83
C LYS D 118 19.94 25.97 -13.05
N LEU D 119 19.44 25.40 -11.95
CA LEU D 119 18.36 24.42 -12.04
C LEU D 119 17.13 25.07 -12.67
N GLU D 120 16.54 26.04 -11.99
CA GLU D 120 15.35 26.70 -12.54
C GLU D 120 15.53 26.99 -14.03
N ASN D 121 16.78 27.08 -14.49
CA ASN D 121 17.03 27.35 -15.89
C ASN D 121 16.98 26.12 -16.75
N LYS D 122 17.46 24.99 -16.24
CA LYS D 122 17.42 23.75 -16.99
C LYS D 122 15.96 23.37 -17.33
N TYR D 123 14.99 23.79 -16.51
CA TYR D 123 13.63 23.44 -16.86
C TYR D 123 13.15 24.25 -18.04
N ILE D 124 13.40 25.56 -18.03
CA ILE D 124 12.97 26.39 -19.14
C ILE D 124 13.60 25.90 -20.42
N ASP D 125 14.90 25.61 -20.39
CA ASP D 125 15.60 25.17 -21.58
C ASP D 125 14.81 24.16 -22.42
N ALA D 126 14.02 23.33 -21.74
CA ALA D 126 13.19 22.35 -22.44
C ALA D 126 12.23 23.13 -23.36
N TYR D 127 11.43 24.04 -22.80
CA TYR D 127 10.51 24.82 -23.61
C TYR D 127 11.28 25.71 -24.56
N HIS D 128 12.52 26.02 -24.20
CA HIS D 128 13.33 26.89 -25.04
C HIS D 128 13.57 26.29 -26.41
N VAL D 129 13.98 25.04 -26.41
CA VAL D 129 14.21 24.33 -27.65
C VAL D 129 12.90 24.07 -28.37
N ILE D 130 11.91 23.57 -27.65
CA ILE D 130 10.67 23.28 -28.32
C ILE D 130 10.22 24.46 -29.15
N PHE D 131 10.27 25.66 -28.57
CA PHE D 131 9.85 26.89 -29.26
C PHE D 131 10.87 27.41 -30.26
N LYS D 132 12.15 27.11 -30.04
CA LYS D 132 13.18 27.56 -30.96
C LYS D 132 13.13 26.73 -32.23
N GLU D 133 13.17 25.42 -32.04
CA GLU D 133 13.15 24.48 -33.14
C GLU D 133 11.94 24.65 -34.02
N GLY D 134 10.83 25.09 -33.42
CA GLY D 134 9.60 25.30 -34.16
C GLY D 134 9.72 26.56 -35.02
N ASN D 135 10.51 27.50 -34.55
CA ASN D 135 10.73 28.73 -35.28
C ASN D 135 11.40 28.35 -36.59
N LEU D 136 12.64 27.88 -36.48
CA LEU D 136 13.42 27.50 -37.67
C LEU D 136 12.92 26.20 -38.31
N ASN D 137 11.61 26.03 -38.33
CA ASN D 137 11.01 24.86 -38.92
C ASN D 137 9.61 25.23 -39.36
N GLY D 138 9.35 26.54 -39.37
CA GLY D 138 8.08 27.05 -39.81
C GLY D 138 6.80 26.56 -39.17
N GLU D 139 6.85 26.19 -37.89
CA GLU D 139 5.63 25.74 -37.25
C GLU D 139 4.93 26.94 -36.60
N TRP D 140 5.70 28.01 -36.36
CA TRP D 140 5.18 29.24 -35.75
C TRP D 140 6.30 30.29 -35.77
N SER D 141 6.00 31.50 -35.33
CA SER D 141 7.05 32.51 -35.27
C SER D 141 7.02 33.20 -33.93
N ILE D 142 8.00 32.87 -33.09
CA ILE D 142 8.08 33.40 -31.74
C ILE D 142 9.08 34.53 -31.52
N ASN D 143 8.54 35.68 -31.10
CA ASN D 143 9.29 36.91 -30.79
C ASN D 143 10.45 36.68 -29.79
N ASP D 144 10.09 36.50 -28.51
CA ASP D 144 11.04 36.27 -27.44
C ASP D 144 10.80 34.85 -26.98
N VAL D 145 11.44 33.92 -27.67
CA VAL D 145 11.31 32.52 -27.32
C VAL D 145 11.56 32.42 -25.83
N ASN D 146 12.48 33.25 -25.36
CA ASN D 146 12.88 33.29 -23.97
C ASN D 146 11.77 33.72 -23.00
N ALA D 147 10.95 34.69 -23.37
CA ALA D 147 9.88 35.13 -22.47
C ALA D 147 8.67 34.22 -22.54
N VAL D 148 8.45 33.63 -23.72
CA VAL D 148 7.33 32.70 -23.93
C VAL D 148 7.66 31.39 -23.19
N SER D 149 8.93 31.01 -23.23
CA SER D 149 9.38 29.81 -22.54
C SER D 149 9.04 29.94 -21.07
N LYS D 150 9.33 31.08 -20.48
CA LYS D 150 9.02 31.29 -19.07
C LYS D 150 7.51 31.20 -18.83
N ILE D 151 6.74 31.87 -19.66
CA ILE D 151 5.30 31.87 -19.48
C ILE D 151 4.71 30.47 -19.57
N ALA D 152 5.05 29.73 -20.61
CA ALA D 152 4.53 28.37 -20.76
C ALA D 152 4.85 27.56 -19.49
N ALA D 153 6.13 27.55 -19.16
CA ALA D 153 6.65 26.83 -18.01
C ALA D 153 5.87 27.08 -16.73
N ASN D 154 5.55 28.33 -16.44
CA ASN D 154 4.82 28.61 -15.23
C ASN D 154 3.34 28.45 -15.34
N ALA D 155 2.79 28.50 -16.54
CA ALA D 155 1.35 28.31 -16.62
C ALA D 155 1.08 26.83 -16.44
N VAL D 156 1.87 26.00 -17.12
CA VAL D 156 1.73 24.55 -17.07
C VAL D 156 1.96 24.02 -15.67
N ASN D 157 2.90 24.63 -14.99
CA ASN D 157 3.24 24.22 -13.64
C ASN D 157 2.08 24.51 -12.70
N GLY D 158 1.30 25.51 -13.03
CA GLY D 158 0.16 25.83 -12.19
C GLY D 158 -0.90 24.79 -12.45
N ILE D 159 -1.18 24.54 -13.74
CA ILE D 159 -2.18 23.55 -14.17
C ILE D 159 -1.90 22.24 -13.44
N VAL D 160 -0.62 21.89 -13.34
CA VAL D 160 -0.20 20.65 -12.70
C VAL D 160 -0.42 20.63 -11.22
N THR D 161 0.17 21.59 -10.52
CA THR D 161 0.08 21.66 -9.06
C THR D 161 -1.23 22.15 -8.47
N PHE D 162 -2.09 22.73 -9.29
CA PHE D 162 -3.36 23.18 -8.77
C PHE D 162 -4.50 22.29 -9.26
N THR D 163 -4.23 21.00 -9.41
CA THR D 163 -5.24 20.04 -9.83
C THR D 163 -4.84 18.62 -9.42
N HIS D 164 -3.88 18.51 -8.48
CA HIS D 164 -3.37 17.23 -7.94
C HIS D 164 -4.49 16.38 -7.36
N GLU D 165 -5.66 17.00 -7.23
CA GLU D 165 -6.84 16.34 -6.70
C GLU D 165 -7.57 15.59 -7.82
N GLN D 166 -8.03 16.36 -8.81
CA GLN D 166 -8.73 15.85 -9.98
C GLN D 166 -8.42 14.40 -10.42
N ASN D 167 -9.18 13.93 -11.40
CA ASN D 167 -9.03 12.60 -11.95
C ASN D 167 -7.84 12.56 -12.90
N ILE D 168 -7.08 11.48 -12.86
CA ILE D 168 -5.90 11.36 -13.70
C ILE D 168 -6.16 11.61 -15.18
N ASN D 169 -7.38 11.33 -15.60
CA ASN D 169 -7.82 11.46 -16.99
C ASN D 169 -8.39 12.82 -17.31
N GLU D 170 -8.79 13.54 -16.27
CA GLU D 170 -9.36 14.86 -16.39
C GLU D 170 -8.30 15.90 -16.69
N ARG D 171 -7.20 15.77 -15.95
CA ARG D 171 -6.08 16.66 -16.04
C ARG D 171 -5.54 16.57 -17.45
N ILE D 172 -5.35 15.36 -17.93
CA ILE D 172 -4.83 15.18 -19.28
C ILE D 172 -5.68 15.93 -20.28
N LYS D 173 -6.98 16.06 -19.99
CA LYS D 173 -7.88 16.77 -20.89
C LYS D 173 -7.81 18.30 -20.72
N LEU D 174 -7.60 18.79 -19.49
CA LEU D 174 -7.45 20.22 -19.27
C LEU D 174 -6.12 20.68 -19.87
N MET D 175 -5.06 19.96 -19.52
CA MET D 175 -3.72 20.24 -20.02
C MET D 175 -3.74 20.32 -21.53
N ASN D 176 -4.37 19.32 -22.15
CA ASN D 176 -4.49 19.24 -23.59
C ASN D 176 -5.16 20.49 -24.14
N LYS D 177 -6.33 20.85 -23.59
CA LYS D 177 -7.07 22.05 -24.02
C LYS D 177 -6.20 23.30 -23.84
N PHE D 178 -5.52 23.38 -22.71
CA PHE D 178 -4.63 24.50 -22.44
C PHE D 178 -3.66 24.55 -23.60
N SER D 179 -2.87 23.50 -23.78
CA SER D 179 -1.90 23.49 -24.86
C SER D 179 -2.43 24.01 -26.19
N GLN D 180 -3.66 23.67 -26.51
CA GLN D 180 -4.23 24.08 -27.77
C GLN D 180 -4.50 25.58 -27.79
N ILE D 181 -5.14 26.08 -26.75
CA ILE D 181 -5.45 27.50 -26.61
C ILE D 181 -4.15 28.30 -26.77
N PHE D 182 -3.15 27.91 -25.99
CA PHE D 182 -1.86 28.57 -25.95
C PHE D 182 -1.08 28.42 -27.24
N LEU D 183 -1.29 27.34 -27.95
CA LEU D 183 -0.51 27.21 -29.15
C LEU D 183 -1.12 28.16 -30.15
N ASN D 184 -2.44 28.17 -30.23
CA ASN D 184 -3.14 29.05 -31.16
C ASN D 184 -2.77 30.45 -30.89
N GLY D 185 -2.85 30.84 -29.62
CA GLY D 185 -2.51 32.20 -29.23
C GLY D 185 -1.28 32.75 -29.92
N LEU D 186 -0.28 31.89 -30.15
CA LEU D 186 0.95 32.28 -30.82
C LEU D 186 0.75 32.28 -32.35
N SER D 187 -0.10 33.16 -32.86
CA SER D 187 -0.42 33.24 -34.32
C SER D 187 0.76 32.93 -35.26
S SO4 E . -11.15 -52.56 9.98
O1 SO4 E . -10.48 -53.83 9.70
O2 SO4 E . -12.55 -52.82 10.36
O3 SO4 E . -10.44 -51.89 11.09
O4 SO4 E . -11.13 -51.70 8.77
S SO4 F . 12.57 -42.91 20.50
O1 SO4 F . 13.61 -43.59 19.71
O2 SO4 F . 11.68 -42.17 19.58
O3 SO4 F . 11.78 -43.91 21.24
O4 SO4 F . 13.22 -41.97 21.43
S SO4 G . 13.25 -49.14 22.19
O1 SO4 G . 12.46 -49.82 21.14
O2 SO4 G . 12.42 -48.93 23.40
O3 SO4 G . 14.42 -49.97 22.51
O4 SO4 G . 13.71 -47.82 21.70
S SO4 H . 25.71 -46.75 9.80
O1 SO4 H . 27.09 -46.59 9.33
O2 SO4 H . 25.03 -47.80 9.02
O3 SO4 H . 25.73 -47.16 11.23
O4 SO4 H . 24.98 -45.48 9.66
S SO4 I . 17.00 -29.98 -7.52
O1 SO4 I . 16.23 -28.76 -7.79
O2 SO4 I . 18.36 -29.84 -8.07
O3 SO4 I . 17.05 -30.17 -6.07
O4 SO4 I . 16.34 -31.14 -8.16
S SO4 J . -0.72 21.79 16.06
O1 SO4 J . 0.11 21.28 17.15
O2 SO4 J . -0.81 20.80 14.97
O3 SO4 J . -2.07 22.08 16.56
O4 SO4 J . -0.11 23.03 15.53
S SO4 K . -12.08 37.99 22.80
O1 SO4 K . -11.33 36.92 23.50
O2 SO4 K . -13.52 37.81 23.01
O3 SO4 K . -11.66 39.30 23.33
O4 SO4 K . -11.81 37.95 21.35
S SO4 L . -4.04 19.99 12.34
O1 SO4 L . -4.73 21.30 12.27
O2 SO4 L . -3.03 19.87 11.24
O3 SO4 L . -3.37 19.85 13.66
O4 SO4 L . -5.07 18.94 12.16
S SO4 M . 10.07 39.39 -3.29
O1 SO4 M . 10.86 40.62 -3.02
O2 SO4 M . 9.86 39.25 -4.75
O3 SO4 M . 10.79 38.20 -2.79
O4 SO4 M . 8.77 39.52 -2.62
S SO4 N . 1.71 6.72 3.99
O1 SO4 N . 0.35 6.18 4.20
O2 SO4 N . 1.72 7.59 2.79
O3 SO4 N . 2.63 5.58 3.83
O4 SO4 N . 2.12 7.52 5.16
S SO4 O . 15.43 4.57 -8.37
O1 SO4 O . 16.83 4.15 -8.51
O2 SO4 O . 15.20 5.74 -9.24
O3 SO4 O . 14.53 3.47 -8.75
O4 SO4 O . 15.17 4.97 -6.97
S SO4 P . 16.95 2.17 -0.73
O1 SO4 P . 17.18 3.38 -1.55
O2 SO4 P . 15.98 2.47 0.34
O3 SO4 P . 16.42 1.09 -1.59
O4 SO4 P . 18.23 1.72 -0.14
S SO4 Q . 14.30 -8.91 -4.13
O1 SO4 Q . 14.26 -8.28 -5.47
O2 SO4 Q . 13.32 -8.23 -3.26
O3 SO4 Q . 13.94 -10.34 -4.24
O4 SO4 Q . 15.65 -8.76 -3.55
S SO4 R . -15.72 -9.30 21.87
O1 SO4 R . -16.57 -10.43 21.47
O2 SO4 R . -16.29 -8.62 23.04
O3 SO4 R . -14.37 -9.80 22.20
O4 SO4 R . -15.62 -8.35 20.73
S SO4 S . 2.47 8.24 -2.34
O1 SO4 S . 3.91 8.05 -2.53
O2 SO4 S . 1.92 9.01 -3.47
O3 SO4 S . 1.80 6.93 -2.29
O4 SO4 S . 2.24 8.97 -1.08
C1 BER T . -7.64 -15.86 3.52
C2 BER T . -6.94 -16.38 4.75
N1 BER T . -7.36 -14.51 3.05
C3 BER T . -8.60 -16.70 2.82
C4 BER T . -6.16 -15.42 5.64
C5 BER T . -7.02 -17.79 5.10
C6 BER T . -8.07 -13.99 1.90
C7 BER T . -6.33 -13.60 3.77
C8 BER T . -9.27 -16.18 1.67
C9 BER T . -5.52 -15.94 6.83
C10 BER T . -6.06 -13.91 5.30
C11 BER T . -6.39 -18.27 6.28
C12 BER T . -9.04 -14.80 1.21
C13 BER T . -10.21 -17.01 1.01
C14 BER T . -5.62 -17.37 7.16
O1 BER T . -6.33 -19.54 6.82
C15 BER T . -9.77 -14.29 0.03
C16 BER T . -10.92 -16.52 -0.13
O2 BER T . -5.11 -18.11 8.23
C17 BER T . -5.81 -19.38 8.19
C18 BER T . -10.75 -15.17 -0.64
O3 BER T . -9.52 -12.94 -0.39
O4 BER T . -11.51 -14.73 -1.79
C19 BER T . -10.19 -12.29 -1.52
C20 BER T . -12.47 -15.59 -2.49
S SO4 U . 14.63 17.64 15.01
O1 SO4 U . 15.03 17.17 16.35
O2 SO4 U . 13.66 16.68 14.43
O3 SO4 U . 13.97 18.95 15.10
O4 SO4 U . 15.83 17.75 14.14
S SO4 V . 20.40 22.30 9.16
O1 SO4 V . 21.20 22.71 10.34
O2 SO4 V . 21.28 21.59 8.20
O3 SO4 V . 19.29 21.43 9.61
O4 SO4 V . 19.85 23.50 8.48
S SO4 W . 15.23 10.73 -5.64
O1 SO4 W . 16.56 10.22 -5.25
O2 SO4 W . 15.17 10.92 -7.10
O3 SO4 W . 14.21 9.75 -5.22
O4 SO4 W . 15.00 12.03 -4.99
S SO4 X . 29.10 10.94 1.16
O1 SO4 X . 29.55 12.23 0.58
O2 SO4 X . 27.71 11.09 1.64
O3 SO4 X . 29.14 9.88 0.12
O4 SO4 X . 29.98 10.56 2.27
S SO4 Y . 17.19 31.61 -29.63
O1 SO4 Y . 18.48 31.33 -28.95
O2 SO4 Y . 17.42 31.77 -31.08
O3 SO4 Y . 16.28 30.47 -29.42
O4 SO4 Y . 16.58 32.83 -29.08
S SO4 Z . 7.41 40.21 -23.74
O1 SO4 Z . 8.81 40.64 -23.58
O2 SO4 Z . 7.29 39.37 -24.94
O3 SO4 Z . 6.98 39.47 -22.54
O4 SO4 Z . 6.53 41.39 -23.88
S SO4 AA . 28.38 4.99 6.16
O1 SO4 AA . 29.32 5.71 7.04
O2 SO4 AA . 29.11 4.02 5.33
O3 SO4 AA . 27.38 4.28 6.99
O4 SO4 AA . 27.69 5.95 5.29
#